data_8R8Q
#
_entry.id   8R8Q
#
_cell.length_a   1.00
_cell.length_b   1.00
_cell.length_c   1.00
_cell.angle_alpha   90.00
_cell.angle_beta   90.00
_cell.angle_gamma   90.00
#
_symmetry.space_group_name_H-M   'P 1'
#
loop_
_entity.id
_entity.type
_entity.pdbx_description
1 polymer 'Major facilitator superfamily domain-containing protein 1'
2 polymer 'Glycosylated lysosomal membrane protein'
3 non-polymer 2-acetamido-2-deoxy-beta-D-glucopyranose
#
loop_
_entity_poly.entity_id
_entity_poly.type
_entity_poly.pdbx_seq_one_letter_code
_entity_poly.pdbx_strand_id
1 'polypeptide(L)'
;MEDEDGEDRALLGGRREADSAVHGAPRALSALCDPSRLAHRLVVLSLMCFLGFGSYFCYDNPAALQTQVKRDMQVNTTKF
MLLYAWYSWPNVVLCFLGGFLIDRIFGIRWGTVIFSCFVCIGQVIFALGGIFNAFWLMELGRFVFGIGGESLAVAQNTYA
VSWFKGKELNLVFGLQLSMARIGSTVNMNLMGWLYGKIEALLGSAGHMTLGVTLMIGCITCIFSLICALALAYLDRRAEK
ILHKEQGKTGEVIKLRDIKDFSLPLILVFVICVCYYVAVFPFIGLGKVFFMEKFRFSSQSASAINSIVYIISAPMSPLFG
LLVDKTGKNIIWVLYAVAATLVSHMMLAFTFWNPWIAMCLLGFSYSLLACALWPMVAFIVPEHQLGTAYGFMQSIQNLGL
AVIAILAGMILDSKGYLLLEVFFIACVSLSLLAVVCLYLVNRAQGGNLNYSAKQRERMKLSHPEIIILEVLFQGPSSGWS
HPQFEKGGGSGGGSGGSAWSHPQFEK
;
A
2 'polypeptide(L)'
;MFRCWGPHWGWVPCAPTPWLLLSLLVCSAPFGLQGEETRQVSMEVISGWPNPQNLLHIRAVGSNSTLHYVWSSLGPPAVV
LVATNTTQSVLSVNWSLLLSPDPAGALMVLPKSSIQFSSALVFTRLLEFDSTNASEGAQPPGKPYPPYSLAKFSWNNITN
SLDLANLSADFQGRPVDDPTGAFANGSLTFKVQAFSRSGRPAQPPRLLHTADVCQLEVALVGASPRGNHSLFGLEVATLG
QGPDCPSVNERNSIDDEYAPAVFQLNQLLWGSSPSGFMQWRPVAFSEEERARESALPCQASTLHSTLASSLPHSPIVQAF
FGSQNNFCAFNLTFGAPTGPGYWDQYYLCWSMLLGMGFPPVDIFSPLVLGIMAVALGAPGLMFLGGGLFLLGSAGSAAGS
GEF
;
B
#
loop_
_chem_comp.id
_chem_comp.type
_chem_comp.name
_chem_comp.formula
NAG D-saccharide, beta linking 2-acetamido-2-deoxy-beta-D-glucopyranose 'C8 H15 N O6'
#
# COMPACT_ATOMS: atom_id res chain seq x y z
N SER A 36 -56.18 5.76 -2.03
CA SER A 36 -55.76 6.62 -0.92
C SER A 36 -55.31 7.99 -1.43
N ARG A 37 -54.35 8.58 -0.72
CA ARG A 37 -53.81 9.87 -1.15
C ARG A 37 -53.14 9.75 -2.52
N LEU A 38 -52.08 8.93 -2.59
CA LEU A 38 -51.36 8.69 -3.84
C LEU A 38 -51.01 7.21 -3.94
N ALA A 39 -52.01 6.36 -3.69
CA ALA A 39 -51.87 4.90 -3.80
C ALA A 39 -50.78 4.37 -2.86
N HIS A 40 -50.80 4.88 -1.62
CA HIS A 40 -49.88 4.44 -0.57
C HIS A 40 -48.43 4.60 -1.01
N ARG A 41 -48.14 5.71 -1.70
CA ARG A 41 -46.78 6.15 -2.04
C ARG A 41 -46.07 5.20 -2.98
N LEU A 42 -46.77 4.22 -3.57
CA LEU A 42 -46.11 3.19 -4.36
C LEU A 42 -45.52 3.76 -5.64
N VAL A 43 -46.31 4.52 -6.40
CA VAL A 43 -45.85 5.01 -7.69
C VAL A 43 -44.75 6.04 -7.51
N VAL A 44 -44.86 6.90 -6.48
CA VAL A 44 -43.79 7.87 -6.24
C VAL A 44 -42.52 7.18 -5.77
N LEU A 45 -42.66 6.12 -4.96
CA LEU A 45 -41.49 5.35 -4.56
C LEU A 45 -40.81 4.71 -5.77
N SER A 46 -41.61 4.16 -6.69
CA SER A 46 -41.05 3.57 -7.90
C SER A 46 -40.36 4.62 -8.77
N LEU A 47 -40.99 5.79 -8.93
CA LEU A 47 -40.44 6.82 -9.81
C LEU A 47 -39.19 7.47 -9.20
N MET A 48 -39.12 7.56 -7.88
CA MET A 48 -38.02 8.28 -7.24
C MET A 48 -36.68 7.59 -7.49
N CYS A 49 -36.66 6.26 -7.42
CA CYS A 49 -35.41 5.53 -7.59
C CYS A 49 -34.87 5.64 -9.00
N PHE A 50 -35.73 5.77 -10.00
CA PHE A 50 -35.31 5.82 -11.39
C PHE A 50 -34.92 7.21 -11.85
N LEU A 51 -35.07 8.23 -11.00
CA LEU A 51 -34.77 9.60 -11.40
C LEU A 51 -33.28 9.80 -11.65
N GLY A 52 -32.43 9.14 -10.86
CA GLY A 52 -31.01 9.45 -10.82
C GLY A 52 -30.13 8.77 -11.84
N PHE A 53 -30.70 8.12 -12.86
CA PHE A 53 -29.86 7.56 -13.92
C PHE A 53 -29.11 8.63 -14.70
N GLY A 54 -29.55 9.89 -14.61
CA GLY A 54 -28.83 10.96 -15.31
C GLY A 54 -27.40 11.12 -14.83
N SER A 55 -27.18 10.96 -13.53
CA SER A 55 -25.87 11.19 -12.93
C SER A 55 -25.12 9.90 -12.59
N TYR A 56 -25.80 8.90 -12.05
CA TYR A 56 -25.12 7.71 -11.55
C TYR A 56 -24.87 6.66 -12.62
N PHE A 57 -25.37 6.87 -13.84
CA PHE A 57 -25.11 5.94 -14.94
C PHE A 57 -23.92 6.37 -15.79
N CYS A 58 -23.99 7.56 -16.39
CA CYS A 58 -22.97 8.03 -17.31
C CYS A 58 -21.74 8.60 -16.61
N TYR A 59 -21.60 8.38 -15.30
CA TYR A 59 -20.47 8.94 -14.56
C TYR A 59 -19.19 8.16 -14.83
N ASP A 60 -19.29 6.83 -15.01
CA ASP A 60 -18.13 5.97 -15.12
C ASP A 60 -17.77 5.64 -16.58
N ASN A 61 -18.04 6.57 -17.50
CA ASN A 61 -17.62 6.34 -18.88
C ASN A 61 -16.10 6.26 -19.03
N PRO A 62 -15.31 7.21 -18.51
CA PRO A 62 -13.84 7.03 -18.60
C PRO A 62 -13.33 5.82 -17.83
N ALA A 63 -13.96 5.49 -16.70
CA ALA A 63 -13.55 4.30 -15.95
C ALA A 63 -13.84 3.03 -16.75
N ALA A 64 -15.01 2.94 -17.38
CA ALA A 64 -15.31 1.81 -18.23
C ALA A 64 -14.54 1.85 -19.55
N LEU A 65 -14.11 3.03 -19.97
CA LEU A 65 -13.30 3.19 -21.18
C LEU A 65 -11.84 3.47 -20.84
N GLN A 66 -11.33 2.87 -19.77
CA GLN A 66 -9.92 2.98 -19.45
C GLN A 66 -9.09 2.41 -20.59
N THR A 67 -7.97 3.07 -20.89
CA THR A 67 -7.22 2.83 -22.12
C THR A 67 -8.18 2.91 -23.30
N GLN A 68 -8.03 2.02 -24.28
CA GLN A 68 -8.99 1.89 -25.37
C GLN A 68 -9.09 3.17 -26.18
N VAL A 69 -9.63 4.23 -25.56
CA VAL A 69 -9.64 5.56 -26.17
C VAL A 69 -8.32 6.28 -26.02
N LYS A 70 -7.38 5.71 -25.25
CA LYS A 70 -6.06 6.30 -25.11
C LYS A 70 -5.34 6.37 -26.47
N ARG A 71 -5.45 5.31 -27.26
CA ARG A 71 -4.81 5.22 -28.56
C ARG A 71 -5.64 5.86 -29.67
N ASP A 72 -6.59 6.73 -29.33
CA ASP A 72 -7.42 7.35 -30.37
C ASP A 72 -6.60 8.36 -31.19
N MET A 73 -6.16 9.44 -30.55
CA MET A 73 -5.23 10.36 -31.19
C MET A 73 -3.90 10.44 -30.45
N GLN A 74 -3.91 10.79 -29.17
CA GLN A 74 -2.74 10.73 -28.29
C GLN A 74 -3.18 10.99 -26.86
N VAL A 75 -2.85 10.08 -25.94
CA VAL A 75 -3.24 10.22 -24.54
C VAL A 75 -2.17 9.59 -23.66
N ASN A 76 -1.71 10.32 -22.66
CA ASN A 76 -0.87 9.79 -21.60
C ASN A 76 -1.68 9.70 -20.31
N THR A 77 -1.12 8.95 -19.34
CA THR A 77 -1.85 8.69 -18.10
C THR A 77 -2.12 9.97 -17.32
N THR A 78 -1.16 10.91 -17.33
CA THR A 78 -1.33 12.14 -16.57
C THR A 78 -2.52 12.95 -17.05
N LYS A 79 -2.71 13.05 -18.37
CA LYS A 79 -3.81 13.85 -18.90
C LYS A 79 -5.16 13.18 -18.65
N PHE A 80 -5.21 11.85 -18.71
CA PHE A 80 -6.49 11.15 -18.60
C PHE A 80 -7.12 11.28 -17.22
N MET A 81 -6.37 11.72 -16.21
CA MET A 81 -6.96 11.99 -14.90
C MET A 81 -7.62 13.37 -14.83
N LEU A 82 -7.46 14.19 -15.87
CA LEU A 82 -8.16 15.47 -15.91
C LEU A 82 -9.65 15.30 -16.19
N LEU A 83 -10.06 14.15 -16.71
CA LEU A 83 -11.47 13.89 -16.95
C LEU A 83 -12.25 13.66 -15.67
N TYR A 84 -11.57 13.47 -14.54
CA TYR A 84 -12.22 13.34 -13.24
C TYR A 84 -11.90 14.49 -12.29
N ALA A 85 -10.81 15.23 -12.54
CA ALA A 85 -10.52 16.39 -11.71
C ALA A 85 -11.60 17.45 -11.83
N TRP A 86 -12.10 17.67 -13.05
CA TRP A 86 -13.17 18.64 -13.26
C TRP A 86 -14.48 18.21 -12.60
N TYR A 87 -14.60 16.95 -12.20
CA TYR A 87 -15.80 16.44 -11.55
C TYR A 87 -15.74 16.55 -10.04
N SER A 88 -14.60 16.89 -9.46
CA SER A 88 -14.46 16.93 -8.01
C SER A 88 -13.97 18.27 -7.48
N TRP A 89 -13.03 18.91 -8.16
CA TRP A 89 -12.46 20.16 -7.64
C TRP A 89 -13.41 21.34 -7.81
N PRO A 90 -13.88 21.67 -9.03
CA PRO A 90 -14.82 22.81 -9.14
C PRO A 90 -16.23 22.42 -8.77
N ASN A 91 -16.41 21.97 -7.54
CA ASN A 91 -17.67 21.37 -7.12
C ASN A 91 -18.26 21.99 -5.87
N VAL A 92 -17.43 22.34 -4.89
CA VAL A 92 -17.95 22.74 -3.58
C VAL A 92 -18.72 24.05 -3.68
N VAL A 93 -18.11 25.07 -4.30
CA VAL A 93 -18.79 26.36 -4.43
C VAL A 93 -19.98 26.22 -5.37
N LEU A 94 -19.83 25.42 -6.42
CA LEU A 94 -20.91 25.30 -7.41
C LEU A 94 -22.10 24.55 -6.83
N CYS A 95 -21.86 23.48 -6.05
CA CYS A 95 -22.98 22.78 -5.44
C CYS A 95 -23.61 23.61 -4.33
N PHE A 96 -22.81 24.39 -3.60
CA PHE A 96 -23.39 25.32 -2.63
C PHE A 96 -24.30 26.34 -3.33
N LEU A 97 -23.85 26.88 -4.46
CA LEU A 97 -24.68 27.81 -5.22
C LEU A 97 -25.95 27.14 -5.71
N GLY A 98 -25.85 25.90 -6.17
CA GLY A 98 -27.04 25.18 -6.61
C GLY A 98 -28.04 24.97 -5.49
N GLY A 99 -27.56 24.58 -4.31
CA GLY A 99 -28.45 24.47 -3.17
C GLY A 99 -29.08 25.78 -2.79
N PHE A 100 -28.31 26.87 -2.84
CA PHE A 100 -28.86 28.20 -2.55
C PHE A 100 -29.95 28.56 -3.54
N LEU A 101 -29.73 28.28 -4.82
CA LEU A 101 -30.75 28.57 -5.84
C LEU A 101 -32.00 27.73 -5.61
N ILE A 102 -31.84 26.45 -5.26
CA ILE A 102 -33.00 25.61 -4.96
C ILE A 102 -33.79 26.20 -3.80
N ASP A 103 -33.08 26.63 -2.75
CA ASP A 103 -33.77 27.19 -1.59
C ASP A 103 -34.49 28.50 -1.94
N ARG A 104 -33.86 29.35 -2.74
CA ARG A 104 -34.36 30.71 -2.91
C ARG A 104 -35.28 30.87 -4.13
N ILE A 105 -34.78 30.59 -5.32
CA ILE A 105 -35.48 31.00 -6.54
C ILE A 105 -36.27 29.86 -7.14
N PHE A 106 -35.59 28.79 -7.54
CA PHE A 106 -36.23 27.73 -8.33
C PHE A 106 -37.34 27.05 -7.55
N GLY A 107 -37.10 26.73 -6.29
CA GLY A 107 -38.00 25.92 -5.52
C GLY A 107 -37.75 24.44 -5.73
N ILE A 108 -38.44 23.62 -4.91
CA ILE A 108 -38.21 22.19 -4.94
C ILE A 108 -38.69 21.57 -6.24
N ARG A 109 -39.78 22.09 -6.81
CA ARG A 109 -40.40 21.45 -7.97
C ARG A 109 -39.50 21.50 -9.19
N TRP A 110 -39.12 22.70 -9.62
CA TRP A 110 -38.41 22.88 -10.88
C TRP A 110 -36.90 22.71 -10.75
N GLY A 111 -36.39 22.36 -9.57
CA GLY A 111 -34.96 22.13 -9.44
C GLY A 111 -34.49 20.93 -10.23
N THR A 112 -35.24 19.82 -10.16
CA THR A 112 -34.80 18.60 -10.84
C THR A 112 -34.81 18.75 -12.35
N VAL A 113 -35.82 19.41 -12.90
CA VAL A 113 -35.97 19.47 -14.35
C VAL A 113 -34.85 20.27 -14.99
N ILE A 114 -34.38 21.33 -14.33
CA ILE A 114 -33.32 22.14 -14.90
C ILE A 114 -31.96 21.47 -14.72
N PHE A 115 -31.75 20.77 -13.60
CA PHE A 115 -30.45 20.14 -13.35
C PHE A 115 -30.25 18.91 -14.23
N SER A 116 -31.31 18.12 -14.43
CA SER A 116 -31.21 17.02 -15.38
C SER A 116 -31.03 17.54 -16.80
N CYS A 117 -31.58 18.72 -17.09
CA CYS A 117 -31.31 19.37 -18.38
C CYS A 117 -29.83 19.74 -18.50
N PHE A 118 -29.23 20.24 -17.43
CA PHE A 118 -27.79 20.48 -17.44
C PHE A 118 -27.03 19.19 -17.67
N VAL A 119 -27.49 18.10 -17.04
CA VAL A 119 -26.83 16.80 -17.20
C VAL A 119 -26.86 16.37 -18.66
N CYS A 120 -28.04 16.46 -19.29
CA CYS A 120 -28.15 16.01 -20.67
C CYS A 120 -27.36 16.91 -21.61
N ILE A 121 -27.34 18.22 -21.33
CA ILE A 121 -26.52 19.14 -22.13
C ILE A 121 -25.05 18.77 -22.02
N GLY A 122 -24.58 18.48 -20.81
CA GLY A 122 -23.19 18.08 -20.64
C GLY A 122 -22.87 16.79 -21.38
N GLN A 123 -23.77 15.80 -21.29
CA GLN A 123 -23.52 14.54 -21.98
C GLN A 123 -23.49 14.72 -23.49
N VAL A 124 -24.43 15.50 -24.05
CA VAL A 124 -24.45 15.68 -25.49
C VAL A 124 -23.26 16.50 -25.96
N ILE A 125 -22.80 17.48 -25.17
CA ILE A 125 -21.62 18.23 -25.60
C ILE A 125 -20.37 17.36 -25.48
N PHE A 126 -20.34 16.43 -24.52
CA PHE A 126 -19.26 15.45 -24.49
C PHE A 126 -19.26 14.59 -25.75
N ALA A 127 -20.45 14.15 -26.17
CA ALA A 127 -20.55 13.37 -27.40
C ALA A 127 -20.10 14.18 -28.61
N LEU A 128 -20.48 15.46 -28.65
CA LEU A 128 -20.04 16.32 -29.75
C LEU A 128 -18.53 16.49 -29.76
N GLY A 129 -17.92 16.69 -28.58
CA GLY A 129 -16.48 16.76 -28.50
C GLY A 129 -15.82 15.47 -28.96
N GLY A 130 -16.44 14.33 -28.66
CA GLY A 130 -15.95 13.07 -29.20
C GLY A 130 -16.02 13.03 -30.72
N ILE A 131 -17.12 13.55 -31.29
CA ILE A 131 -17.33 13.40 -32.72
C ILE A 131 -16.50 14.40 -33.53
N PHE A 132 -16.13 15.55 -32.96
CA PHE A 132 -15.32 16.53 -33.67
C PHE A 132 -13.83 16.38 -33.39
N ASN A 133 -13.42 15.34 -32.66
CA ASN A 133 -12.03 14.96 -32.42
C ASN A 133 -11.28 15.95 -31.54
N ALA A 134 -11.90 17.05 -31.13
CA ALA A 134 -11.24 18.02 -30.25
C ALA A 134 -11.27 17.53 -28.82
N PHE A 135 -10.20 17.82 -28.08
CA PHE A 135 -10.10 17.34 -26.70
C PHE A 135 -10.63 18.34 -25.68
N TRP A 136 -10.44 19.65 -25.91
CA TRP A 136 -10.97 20.62 -24.96
C TRP A 136 -12.49 20.69 -25.02
N LEU A 137 -13.09 20.31 -26.15
CA LEU A 137 -14.53 20.05 -26.17
C LEU A 137 -14.89 18.86 -25.28
N MET A 138 -14.06 17.80 -25.32
CA MET A 138 -14.27 16.67 -24.43
C MET A 138 -14.16 17.08 -22.97
N GLU A 139 -13.17 17.91 -22.66
CA GLU A 139 -12.92 18.31 -21.27
C GLU A 139 -14.04 19.21 -20.75
N LEU A 140 -14.61 20.05 -21.61
CA LEU A 140 -15.62 21.01 -21.16
C LEU A 140 -16.90 20.32 -20.69
N GLY A 141 -17.15 19.09 -21.16
CA GLY A 141 -18.36 18.40 -20.75
C GLY A 141 -18.41 18.15 -19.25
N ARG A 142 -17.25 17.88 -18.65
CA ARG A 142 -17.21 17.63 -17.21
C ARG A 142 -17.53 18.87 -16.39
N PHE A 143 -17.25 20.07 -16.94
CA PHE A 143 -17.55 21.30 -16.22
C PHE A 143 -19.05 21.53 -16.05
N VAL A 144 -19.88 20.81 -16.81
CA VAL A 144 -21.33 20.89 -16.69
C VAL A 144 -21.89 19.66 -15.99
N PHE A 145 -21.37 18.48 -16.32
CA PHE A 145 -21.89 17.25 -15.76
C PHE A 145 -21.68 17.19 -14.26
N GLY A 146 -20.60 17.79 -13.76
CA GLY A 146 -20.36 17.78 -12.32
C GLY A 146 -21.44 18.54 -11.56
N ILE A 147 -21.71 19.77 -11.99
CA ILE A 147 -22.78 20.55 -11.36
C ILE A 147 -24.12 19.83 -11.52
N GLY A 148 -24.35 19.24 -12.70
CA GLY A 148 -25.61 18.55 -12.92
C GLY A 148 -25.79 17.41 -11.93
N GLY A 149 -24.76 16.57 -11.79
CA GLY A 149 -24.87 15.42 -10.90
C GLY A 149 -25.03 15.81 -9.44
N GLU A 150 -24.20 16.75 -8.97
CA GLU A 150 -24.27 17.09 -7.55
C GLU A 150 -25.56 17.83 -7.21
N SER A 151 -25.98 18.75 -8.07
CA SER A 151 -27.24 19.45 -7.85
C SER A 151 -28.43 18.49 -7.93
N LEU A 152 -28.39 17.53 -8.86
CA LEU A 152 -29.46 16.54 -8.93
C LEU A 152 -29.50 15.70 -7.67
N ALA A 153 -28.32 15.31 -7.15
CA ALA A 153 -28.27 14.51 -5.94
C ALA A 153 -28.86 15.27 -4.75
N VAL A 154 -28.48 16.54 -4.59
CA VAL A 154 -28.98 17.31 -3.46
C VAL A 154 -30.48 17.56 -3.59
N ALA A 155 -30.95 17.82 -4.82
CA ALA A 155 -32.37 18.03 -5.04
C ALA A 155 -33.16 16.75 -4.75
N GLN A 156 -32.64 15.60 -5.18
CA GLN A 156 -33.30 14.34 -4.91
C GLN A 156 -33.38 14.09 -3.41
N ASN A 157 -32.28 14.35 -2.70
CA ASN A 157 -32.29 14.13 -1.25
C ASN A 157 -33.32 15.01 -0.57
N THR A 158 -33.31 16.31 -0.88
CA THR A 158 -34.24 17.21 -0.19
C THR A 158 -35.69 16.91 -0.57
N TYR A 159 -35.94 16.52 -1.82
CA TYR A 159 -37.30 16.21 -2.25
C TYR A 159 -37.82 14.95 -1.54
N ALA A 160 -36.98 13.91 -1.47
CA ALA A 160 -37.38 12.69 -0.77
C ALA A 160 -37.63 12.97 0.70
N VAL A 161 -36.81 13.84 1.32
CA VAL A 161 -37.07 14.23 2.70
C VAL A 161 -38.39 14.97 2.82
N SER A 162 -38.65 15.90 1.90
CA SER A 162 -39.85 16.72 1.99
C SER A 162 -41.12 15.89 1.87
N TRP A 163 -41.15 14.92 0.94
CA TRP A 163 -42.42 14.26 0.67
C TRP A 163 -42.61 12.99 1.50
N PHE A 164 -41.62 12.10 1.53
CA PHE A 164 -41.80 10.81 2.20
C PHE A 164 -41.73 10.89 3.72
N LYS A 165 -41.80 12.06 4.34
CA LYS A 165 -41.64 12.18 5.78
C LYS A 165 -42.80 11.51 6.51
N GLY A 166 -42.61 11.27 7.81
CA GLY A 166 -43.60 10.61 8.63
C GLY A 166 -43.39 9.11 8.75
N LYS A 167 -43.61 8.37 7.66
CA LYS A 167 -43.44 6.93 7.65
C LYS A 167 -42.59 6.52 6.46
N GLU A 168 -41.78 5.48 6.66
CA GLU A 168 -40.88 4.95 5.64
C GLU A 168 -39.95 6.06 5.12
N LEU A 169 -39.19 6.64 6.04
CA LEU A 169 -38.31 7.75 5.70
C LEU A 169 -36.89 7.28 5.37
N ASN A 170 -36.27 6.51 6.27
CA ASN A 170 -34.91 6.04 6.07
C ASN A 170 -34.78 5.08 4.88
N LEU A 171 -35.88 4.55 4.38
CA LEU A 171 -35.85 3.54 3.32
C LEU A 171 -35.55 4.13 1.95
N VAL A 172 -36.09 5.32 1.65
CA VAL A 172 -35.86 5.92 0.34
C VAL A 172 -34.38 6.24 0.13
N PHE A 173 -33.68 6.64 1.21
CA PHE A 173 -32.23 6.77 1.12
C PHE A 173 -31.59 5.42 0.81
N GLY A 174 -32.16 4.34 1.34
CA GLY A 174 -31.65 3.01 1.02
C GLY A 174 -31.73 2.69 -0.46
N LEU A 175 -32.90 2.94 -1.07
CA LEU A 175 -32.98 2.69 -2.51
C LEU A 175 -32.11 3.65 -3.30
N GLN A 176 -31.99 4.90 -2.85
CA GLN A 176 -31.15 5.85 -3.56
C GLN A 176 -29.69 5.40 -3.56
N LEU A 177 -29.21 4.89 -2.43
CA LEU A 177 -27.86 4.34 -2.38
C LEU A 177 -27.72 3.08 -3.23
N SER A 178 -28.74 2.20 -3.18
CA SER A 178 -28.63 0.93 -3.90
C SER A 178 -28.66 1.12 -5.41
N MET A 179 -29.38 2.14 -5.90
CA MET A 179 -29.53 2.33 -7.34
C MET A 179 -28.20 2.62 -8.02
N ALA A 180 -27.36 3.45 -7.39
CA ALA A 180 -26.08 3.79 -8.00
C ALA A 180 -25.21 2.55 -8.15
N ARG A 181 -25.16 1.70 -7.12
CA ARG A 181 -24.34 0.50 -7.19
C ARG A 181 -24.93 -0.54 -8.15
N ILE A 182 -26.26 -0.59 -8.26
CA ILE A 182 -26.87 -1.52 -9.21
C ILE A 182 -26.80 -1.03 -10.65
N GLY A 183 -26.51 0.25 -10.85
CA GLY A 183 -26.38 0.77 -12.21
C GLY A 183 -24.97 0.92 -12.72
N SER A 184 -24.01 1.19 -11.82
CA SER A 184 -22.65 1.46 -12.26
C SER A 184 -22.01 0.26 -12.95
N THR A 185 -22.13 -0.91 -12.34
CA THR A 185 -21.54 -2.11 -12.93
C THR A 185 -22.24 -2.47 -14.24
N VAL A 186 -23.55 -2.30 -14.29
CA VAL A 186 -24.29 -2.58 -15.52
C VAL A 186 -23.80 -1.68 -16.64
N ASN A 187 -23.62 -0.39 -16.37
CA ASN A 187 -23.07 0.50 -17.38
C ASN A 187 -21.66 0.09 -17.78
N MET A 188 -20.83 -0.27 -16.80
CA MET A 188 -19.45 -0.63 -17.09
C MET A 188 -19.38 -1.81 -18.06
N ASN A 189 -20.24 -2.81 -17.85
CA ASN A 189 -20.27 -3.94 -18.77
C ASN A 189 -20.90 -3.58 -20.10
N LEU A 190 -22.01 -2.83 -20.06
CA LEU A 190 -22.83 -2.62 -21.25
C LEU A 190 -22.15 -1.70 -22.26
N MET A 191 -21.45 -0.67 -21.79
CA MET A 191 -20.75 0.21 -22.72
C MET A 191 -19.65 -0.55 -23.44
N GLY A 192 -18.88 -1.37 -22.71
CA GLY A 192 -17.86 -2.18 -23.36
C GLY A 192 -18.44 -3.16 -24.36
N TRP A 193 -19.58 -3.77 -24.01
CA TRP A 193 -20.21 -4.69 -24.96
C TRP A 193 -20.70 -3.97 -26.22
N LEU A 194 -21.32 -2.80 -26.04
CA LEU A 194 -21.82 -2.07 -27.19
C LEU A 194 -20.70 -1.54 -28.07
N TYR A 195 -19.53 -1.23 -27.50
CA TYR A 195 -18.40 -0.84 -28.33
C TYR A 195 -18.09 -1.91 -29.36
N GLY A 196 -17.92 -3.15 -28.90
CA GLY A 196 -17.65 -4.24 -29.82
C GLY A 196 -18.80 -4.52 -30.75
N LYS A 197 -20.04 -4.44 -30.24
CA LYS A 197 -21.20 -4.70 -31.08
C LYS A 197 -21.27 -3.71 -32.24
N ILE A 198 -21.09 -2.41 -31.95
CA ILE A 198 -21.13 -1.39 -32.98
C ILE A 198 -19.96 -1.54 -33.93
N GLU A 199 -18.77 -1.85 -33.40
CA GLU A 199 -17.62 -2.04 -34.26
C GLU A 199 -17.83 -3.18 -35.24
N ALA A 200 -18.45 -4.28 -34.78
CA ALA A 200 -18.71 -5.40 -35.66
C ALA A 200 -19.82 -5.12 -36.65
N LEU A 201 -20.87 -4.42 -36.22
CA LEU A 201 -22.04 -4.22 -37.08
C LEU A 201 -21.83 -3.09 -38.08
N LEU A 202 -21.61 -1.88 -37.58
CA LEU A 202 -21.48 -0.72 -38.47
C LEU A 202 -20.26 -0.84 -39.38
N GLY A 203 -19.14 -1.29 -38.83
CA GLY A 203 -17.91 -1.45 -39.57
C GLY A 203 -16.75 -0.82 -38.84
N SER A 204 -15.60 -0.79 -39.51
CA SER A 204 -14.37 -0.25 -38.93
C SER A 204 -14.10 1.11 -39.59
N ALA A 205 -14.59 2.17 -38.95
CA ALA A 205 -14.33 3.53 -39.39
C ALA A 205 -12.96 3.97 -38.87
N GLY A 206 -12.68 5.26 -38.94
CA GLY A 206 -11.40 5.78 -38.46
C GLY A 206 -11.37 5.94 -36.96
N HIS A 207 -11.89 4.94 -36.24
CA HIS A 207 -11.94 4.91 -34.78
C HIS A 207 -12.66 6.11 -34.19
N MET A 208 -13.54 6.75 -34.98
CA MET A 208 -14.37 7.84 -34.50
C MET A 208 -15.70 7.34 -33.94
N THR A 209 -15.92 6.03 -33.92
CA THR A 209 -17.18 5.45 -33.47
C THR A 209 -17.42 5.65 -31.98
N LEU A 210 -16.41 6.07 -31.21
CA LEU A 210 -16.63 6.30 -29.79
C LEU A 210 -17.63 7.44 -29.57
N GLY A 211 -17.70 8.39 -30.51
CA GLY A 211 -18.67 9.47 -30.37
C GLY A 211 -20.10 8.98 -30.39
N VAL A 212 -20.44 8.16 -31.39
CA VAL A 212 -21.77 7.57 -31.41
C VAL A 212 -21.92 6.56 -30.29
N THR A 213 -20.82 5.91 -29.88
CA THR A 213 -20.87 5.01 -28.74
C THR A 213 -21.26 5.76 -27.48
N LEU A 214 -20.72 6.98 -27.29
CA LEU A 214 -21.17 7.82 -26.19
C LEU A 214 -22.61 8.27 -26.42
N MET A 215 -22.98 8.53 -27.67
CA MET A 215 -24.35 8.95 -27.98
C MET A 215 -25.36 7.86 -27.65
N ILE A 216 -25.05 6.61 -27.97
CA ILE A 216 -25.95 5.51 -27.61
C ILE A 216 -26.01 5.35 -26.10
N GLY A 217 -24.93 5.70 -25.40
CA GLY A 217 -24.98 5.76 -23.95
C GLY A 217 -25.66 6.99 -23.40
N CYS A 218 -25.81 8.03 -24.23
CA CYS A 218 -26.50 9.25 -23.81
C CYS A 218 -27.99 9.03 -23.66
N ILE A 219 -28.55 7.97 -24.26
CA ILE A 219 -30.00 7.74 -24.21
C ILE A 219 -30.49 7.56 -22.78
N THR A 220 -29.60 7.24 -21.84
CA THR A 220 -30.00 7.11 -20.44
C THR A 220 -30.46 8.44 -19.87
N CYS A 221 -29.77 9.53 -20.22
CA CYS A 221 -30.07 10.83 -19.62
C CYS A 221 -31.47 11.33 -19.98
N ILE A 222 -31.97 10.99 -21.17
CA ILE A 222 -33.31 11.43 -21.55
C ILE A 222 -34.36 10.81 -20.63
N PHE A 223 -34.13 9.57 -20.21
CA PHE A 223 -35.06 8.93 -19.27
C PHE A 223 -35.17 9.72 -17.98
N SER A 224 -34.06 10.31 -17.52
CA SER A 224 -34.10 11.16 -16.34
C SER A 224 -34.97 12.40 -16.58
N LEU A 225 -34.87 12.99 -17.77
CA LEU A 225 -35.75 14.10 -18.11
C LEU A 225 -37.22 13.69 -18.08
N ILE A 226 -37.53 12.52 -18.67
CA ILE A 226 -38.91 12.07 -18.70
C ILE A 226 -39.44 11.85 -17.29
N CYS A 227 -38.62 11.23 -16.44
CA CYS A 227 -39.00 11.02 -15.06
C CYS A 227 -39.18 12.35 -14.32
N ALA A 228 -38.32 13.32 -14.61
CA ALA A 228 -38.44 14.62 -13.95
C ALA A 228 -39.74 15.34 -14.33
N LEU A 229 -40.08 15.35 -15.62
CA LEU A 229 -41.35 15.96 -16.02
C LEU A 229 -42.55 15.20 -15.47
N ALA A 230 -42.48 13.86 -15.43
CA ALA A 230 -43.57 13.10 -14.82
C ALA A 230 -43.72 13.43 -13.34
N LEU A 231 -42.61 13.55 -12.62
CA LEU A 231 -42.64 13.90 -11.21
C LEU A 231 -43.21 15.30 -11.01
N ALA A 232 -42.82 16.24 -11.88
CA ALA A 232 -43.37 17.59 -11.80
C ALA A 232 -44.88 17.59 -12.03
N TYR A 233 -45.34 16.83 -13.01
CA TYR A 233 -46.78 16.73 -13.25
C TYR A 233 -47.49 16.14 -12.05
N LEU A 234 -46.93 15.09 -11.45
CA LEU A 234 -47.53 14.49 -10.27
C LEU A 234 -47.60 15.49 -9.12
N ASP A 235 -46.52 16.26 -8.91
CA ASP A 235 -46.51 17.25 -7.84
C ASP A 235 -47.53 18.34 -8.09
N ARG A 236 -47.68 18.76 -9.35
CA ARG A 236 -48.72 19.74 -9.68
C ARG A 236 -50.11 19.18 -9.38
N ARG A 237 -50.34 17.91 -9.72
CA ARG A 237 -51.59 17.27 -9.34
C ARG A 237 -51.68 17.03 -7.84
N ALA A 238 -50.54 16.87 -7.18
CA ALA A 238 -50.53 16.56 -5.75
C ALA A 238 -50.99 17.75 -4.91
N GLU A 239 -50.71 18.97 -5.35
CA GLU A 239 -51.03 20.14 -4.54
C GLU A 239 -52.54 20.26 -4.34
N LYS A 240 -53.32 19.94 -5.36
CA LYS A 240 -54.77 19.98 -5.26
C LYS A 240 -55.29 18.96 -4.24
N PHE A 261 -27.95 28.31 12.00
CA PHE A 261 -29.01 27.32 12.03
C PHE A 261 -29.24 26.82 13.45
N SER A 262 -28.39 25.91 13.89
CA SER A 262 -28.47 25.34 15.24
C SER A 262 -27.12 24.72 15.57
N LEU A 263 -26.99 24.28 16.82
CA LEU A 263 -25.75 23.69 17.30
C LEU A 263 -25.55 22.26 16.80
N PRO A 264 -26.52 21.33 16.97
CA PRO A 264 -26.26 19.95 16.57
C PRO A 264 -26.01 19.76 15.08
N LEU A 265 -26.41 20.72 14.26
CA LEU A 265 -26.16 20.60 12.82
C LEU A 265 -24.66 20.58 12.52
N ILE A 266 -23.90 21.41 13.22
CA ILE A 266 -22.44 21.41 13.04
C ILE A 266 -21.86 20.06 13.44
N LEU A 267 -22.35 19.48 14.53
CA LEU A 267 -21.87 18.18 14.97
C LEU A 267 -22.19 17.10 13.94
N VAL A 268 -23.39 17.15 13.35
CA VAL A 268 -23.77 16.17 12.34
C VAL A 268 -22.90 16.33 11.10
N PHE A 269 -22.60 17.58 10.72
CA PHE A 269 -21.66 17.82 9.63
C PHE A 269 -20.30 17.18 9.94
N VAL A 270 -19.85 17.31 11.18
CA VAL A 270 -18.58 16.71 11.58
C VAL A 270 -18.63 15.20 11.45
N ILE A 271 -19.74 14.58 11.88
CA ILE A 271 -19.88 13.13 11.74
C ILE A 271 -19.76 12.73 10.28
N CYS A 272 -20.51 13.41 9.42
CA CYS A 272 -20.52 13.04 8.00
C CYS A 272 -19.13 13.17 7.39
N VAL A 273 -18.47 14.30 7.64
CA VAL A 273 -17.13 14.51 7.10
C VAL A 273 -16.19 13.44 7.60
N CYS A 274 -16.16 13.21 8.92
CA CYS A 274 -15.20 12.28 9.48
C CYS A 274 -15.38 10.88 8.91
N TYR A 275 -16.61 10.36 8.91
CA TYR A 275 -16.80 8.98 8.46
C TYR A 275 -16.59 8.85 6.95
N TYR A 276 -17.23 9.74 6.15
CA TYR A 276 -17.14 9.58 4.71
C TYR A 276 -15.79 9.99 4.16
N VAL A 277 -14.92 10.60 4.99
CA VAL A 277 -13.55 10.88 4.58
C VAL A 277 -12.57 9.84 5.13
N ALA A 278 -12.94 9.12 6.20
CA ALA A 278 -12.09 8.04 6.69
C ALA A 278 -12.44 6.69 6.10
N VAL A 279 -13.51 6.57 5.31
CA VAL A 279 -13.84 5.28 4.72
C VAL A 279 -13.40 5.18 3.26
N PHE A 280 -13.87 6.10 2.41
CA PHE A 280 -13.69 5.95 0.97
C PHE A 280 -12.25 5.90 0.51
N PRO A 281 -11.35 6.81 0.92
CA PRO A 281 -9.97 6.74 0.38
C PRO A 281 -9.26 5.44 0.71
N PHE A 282 -9.65 4.77 1.79
CA PHE A 282 -9.11 3.44 2.08
C PHE A 282 -9.43 2.46 0.97
N ILE A 283 -10.68 2.48 0.48
CA ILE A 283 -11.06 1.64 -0.64
C ILE A 283 -10.37 2.10 -1.91
N GLY A 284 -10.21 3.41 -2.07
CA GLY A 284 -9.53 3.93 -3.26
C GLY A 284 -8.08 3.48 -3.35
N LEU A 285 -7.41 3.37 -2.21
CA LEU A 285 -6.05 2.84 -2.17
C LEU A 285 -6.05 1.41 -2.72
N GLY A 286 -6.73 0.51 -2.02
CA GLY A 286 -7.08 -0.79 -2.59
C GLY A 286 -5.94 -1.74 -2.88
N LYS A 287 -5.62 -1.87 -4.17
CA LYS A 287 -4.83 -2.98 -4.68
C LYS A 287 -3.51 -3.14 -3.94
N VAL A 288 -2.74 -2.05 -3.82
CA VAL A 288 -1.33 -2.17 -3.45
C VAL A 288 -1.18 -2.67 -2.01
N PHE A 289 -2.04 -2.20 -1.10
CA PHE A 289 -1.88 -2.56 0.31
C PHE A 289 -2.06 -4.04 0.55
N PHE A 290 -3.06 -4.65 -0.09
CA PHE A 290 -3.36 -6.06 0.14
C PHE A 290 -2.37 -6.99 -0.55
N MET A 291 -1.63 -6.49 -1.54
CA MET A 291 -0.58 -7.28 -2.17
C MET A 291 0.71 -7.31 -1.37
N GLU A 292 0.84 -6.47 -0.34
CA GLU A 292 2.04 -6.44 0.49
C GLU A 292 1.78 -6.87 1.92
N LYS A 293 0.76 -6.32 2.57
CA LYS A 293 0.46 -6.73 3.94
C LYS A 293 0.07 -8.20 4.00
N PHE A 294 -0.76 -8.65 3.06
CA PHE A 294 -1.16 -10.03 2.95
C PHE A 294 -0.67 -10.61 1.62
N ARG A 295 -0.69 -11.93 1.52
CA ARG A 295 -0.27 -12.62 0.30
C ARG A 295 -1.53 -13.03 -0.46
N PHE A 296 -1.88 -12.21 -1.46
CA PHE A 296 -3.03 -12.47 -2.31
C PHE A 296 -2.60 -12.50 -3.78
N SER A 297 -3.31 -13.30 -4.56
CA SER A 297 -3.04 -13.38 -5.99
C SER A 297 -3.48 -12.09 -6.67
N SER A 298 -2.90 -11.85 -7.86
CA SER A 298 -3.20 -10.62 -8.59
C SER A 298 -4.66 -10.55 -9.03
N GLN A 299 -5.32 -11.70 -9.18
CA GLN A 299 -6.70 -11.73 -9.65
C GLN A 299 -7.69 -11.79 -8.49
N SER A 300 -7.48 -12.71 -7.54
CA SER A 300 -8.42 -12.89 -6.45
C SER A 300 -8.40 -11.75 -5.44
N ALA A 301 -7.42 -10.85 -5.52
CA ALA A 301 -7.38 -9.72 -4.60
C ALA A 301 -8.46 -8.68 -4.89
N SER A 302 -9.07 -8.71 -6.07
CA SER A 302 -10.13 -7.76 -6.39
C SER A 302 -11.42 -8.04 -5.65
N ALA A 303 -11.59 -9.27 -5.13
CA ALA A 303 -12.78 -9.58 -4.35
C ALA A 303 -12.79 -8.80 -3.04
N ILE A 304 -11.64 -8.67 -2.39
CA ILE A 304 -11.58 -7.99 -1.10
C ILE A 304 -11.85 -6.50 -1.27
N ASN A 305 -11.20 -5.86 -2.25
CA ASN A 305 -11.32 -4.42 -2.40
C ASN A 305 -12.72 -4.01 -2.82
N SER A 306 -13.37 -4.81 -3.67
CA SER A 306 -14.67 -4.47 -4.23
C SER A 306 -15.80 -5.25 -3.59
N ILE A 307 -15.75 -5.49 -2.28
CA ILE A 307 -16.84 -6.13 -1.57
C ILE A 307 -17.53 -5.20 -0.58
N VAL A 308 -16.90 -4.09 -0.20
CA VAL A 308 -17.59 -3.12 0.63
C VAL A 308 -18.69 -2.41 -0.16
N TYR A 309 -18.62 -2.46 -1.49
CA TYR A 309 -19.63 -1.87 -2.34
C TYR A 309 -20.70 -2.87 -2.74
N ILE A 310 -20.29 -4.06 -3.18
CA ILE A 310 -21.24 -5.04 -3.69
C ILE A 310 -22.15 -5.59 -2.60
N ILE A 311 -21.75 -5.45 -1.33
CA ILE A 311 -22.61 -5.86 -0.21
C ILE A 311 -23.47 -4.70 0.31
N SER A 312 -23.26 -3.49 -0.20
CA SER A 312 -24.03 -2.34 0.27
C SER A 312 -25.44 -2.32 -0.31
N ALA A 313 -25.54 -2.38 -1.64
CA ALA A 313 -26.85 -2.25 -2.30
C ALA A 313 -27.82 -3.35 -1.91
N PRO A 314 -27.46 -4.64 -1.91
CA PRO A 314 -28.43 -5.67 -1.51
C PRO A 314 -28.80 -5.65 -0.03
N MET A 315 -28.26 -4.73 0.75
CA MET A 315 -28.46 -4.74 2.21
C MET A 315 -29.06 -3.45 2.73
N SER A 316 -28.65 -2.30 2.19
CA SER A 316 -29.12 -1.03 2.72
C SER A 316 -30.63 -0.88 2.79
N PRO A 317 -31.43 -1.30 1.80
CA PRO A 317 -32.89 -1.21 1.98
C PRO A 317 -33.40 -1.97 3.20
N LEU A 318 -32.80 -3.11 3.54
CA LEU A 318 -33.23 -3.86 4.70
C LEU A 318 -33.01 -3.06 5.98
N PHE A 319 -31.83 -2.45 6.14
CA PHE A 319 -31.57 -1.63 7.31
C PHE A 319 -32.46 -0.40 7.33
N GLY A 320 -32.73 0.18 6.16
CA GLY A 320 -33.65 1.31 6.11
C GLY A 320 -35.05 0.94 6.56
N LEU A 321 -35.53 -0.22 6.15
CA LEU A 321 -36.85 -0.68 6.57
C LEU A 321 -36.86 -1.02 8.06
N LEU A 322 -35.73 -1.49 8.60
CA LEU A 322 -35.71 -1.89 10.01
C LEU A 322 -35.53 -0.71 10.96
N VAL A 323 -34.79 0.33 10.54
CA VAL A 323 -34.43 1.40 11.47
C VAL A 323 -35.65 2.21 11.89
N ASP A 324 -36.49 2.61 10.92
CA ASP A 324 -37.61 3.48 11.25
C ASP A 324 -38.60 2.80 12.19
N LYS A 325 -38.76 1.49 12.05
CA LYS A 325 -39.66 0.73 12.91
C LYS A 325 -38.94 0.48 14.24
N THR A 326 -39.33 1.25 15.26
CA THR A 326 -38.76 1.14 16.62
C THR A 326 -37.24 1.30 16.60
N GLY A 327 -36.79 2.47 16.19
CA GLY A 327 -35.37 2.74 16.17
C GLY A 327 -34.95 4.10 16.68
N LYS A 328 -34.10 4.13 17.70
CA LYS A 328 -33.45 5.35 18.16
C LYS A 328 -32.19 5.52 17.32
N ASN A 329 -32.17 6.54 16.47
CA ASN A 329 -31.15 6.65 15.43
C ASN A 329 -29.75 6.80 16.02
N ILE A 330 -29.62 7.55 17.13
CA ILE A 330 -28.31 7.79 17.71
C ILE A 330 -27.63 6.48 18.09
N ILE A 331 -28.39 5.54 18.63
CA ILE A 331 -27.84 4.24 19.01
C ILE A 331 -27.32 3.52 17.78
N TRP A 332 -28.08 3.54 16.68
CA TRP A 332 -27.65 2.86 15.46
C TRP A 332 -26.37 3.49 14.92
N VAL A 333 -26.29 4.82 14.91
CA VAL A 333 -25.09 5.49 14.42
C VAL A 333 -23.89 5.14 15.29
N LEU A 334 -24.07 5.15 16.61
CA LEU A 334 -22.97 4.80 17.51
C LEU A 334 -22.50 3.37 17.29
N TYR A 335 -23.44 2.44 17.12
CA TYR A 335 -23.07 1.05 16.87
C TYR A 335 -22.29 0.92 15.56
N ALA A 336 -22.74 1.61 14.51
CA ALA A 336 -22.04 1.53 13.23
C ALA A 336 -20.62 2.10 13.34
N VAL A 337 -20.47 3.22 14.04
CA VAL A 337 -19.14 3.82 14.17
C VAL A 337 -18.22 2.94 15.00
N ALA A 338 -18.74 2.33 16.06
CA ALA A 338 -17.94 1.40 16.85
C ALA A 338 -17.52 0.20 16.02
N ALA A 339 -18.43 -0.32 15.18
CA ALA A 339 -18.08 -1.42 14.30
C ALA A 339 -16.99 -1.03 13.33
N THR A 340 -17.05 0.17 12.77
CA THR A 340 -16.01 0.64 11.86
C THR A 340 -14.66 0.73 12.58
N LEU A 341 -14.66 1.25 13.80
CA LEU A 341 -13.41 1.32 14.57
C LEU A 341 -12.84 -0.07 14.83
N VAL A 342 -13.71 -1.01 15.20
CA VAL A 342 -13.25 -2.39 15.45
C VAL A 342 -12.67 -2.98 14.18
N SER A 343 -13.33 -2.74 13.03
CA SER A 343 -12.86 -3.30 11.77
C SER A 343 -11.48 -2.74 11.41
N HIS A 344 -11.30 -1.42 11.54
CA HIS A 344 -9.99 -0.84 11.23
C HIS A 344 -8.92 -1.34 12.19
N MET A 345 -9.24 -1.47 13.48
CA MET A 345 -8.26 -1.98 14.44
C MET A 345 -7.84 -3.40 14.08
N MET A 346 -8.83 -4.26 13.78
CA MET A 346 -8.53 -5.65 13.42
C MET A 346 -7.71 -5.72 12.15
N LEU A 347 -8.04 -4.91 11.15
CA LEU A 347 -7.31 -4.97 9.89
C LEU A 347 -5.89 -4.45 10.05
N ALA A 348 -5.69 -3.43 10.88
CA ALA A 348 -4.38 -2.79 10.94
C ALA A 348 -3.41 -3.45 11.90
N PHE A 349 -3.87 -3.91 13.06
CA PHE A 349 -2.97 -4.33 14.12
C PHE A 349 -2.85 -5.84 14.28
N THR A 350 -3.34 -6.62 13.32
CA THR A 350 -3.26 -8.07 13.44
C THR A 350 -3.26 -8.70 12.05
N PHE A 351 -2.73 -9.93 11.97
CA PHE A 351 -2.68 -10.68 10.72
C PHE A 351 -3.85 -11.65 10.55
N TRP A 352 -4.98 -11.38 11.21
CA TRP A 352 -6.15 -12.22 11.00
C TRP A 352 -6.66 -12.10 9.56
N ASN A 353 -7.54 -13.02 9.19
CA ASN A 353 -8.03 -13.09 7.82
C ASN A 353 -8.70 -11.78 7.43
N PRO A 354 -8.30 -11.17 6.31
CA PRO A 354 -8.92 -9.90 5.92
C PRO A 354 -10.40 -10.01 5.58
N TRP A 355 -10.90 -11.22 5.31
CA TRP A 355 -12.32 -11.38 5.03
C TRP A 355 -13.18 -10.93 6.20
N ILE A 356 -12.81 -11.36 7.40
CA ILE A 356 -13.57 -10.99 8.60
C ILE A 356 -13.49 -9.49 8.84
N ALA A 357 -12.30 -8.91 8.70
CA ALA A 357 -12.12 -7.49 8.97
C ALA A 357 -12.82 -6.61 7.94
N MET A 358 -12.95 -7.09 6.70
CA MET A 358 -13.59 -6.32 5.65
C MET A 358 -15.08 -6.59 5.54
N CYS A 359 -15.59 -7.66 6.17
CA CYS A 359 -17.02 -7.91 6.15
C CYS A 359 -17.77 -6.90 7.01
N LEU A 360 -17.23 -6.60 8.21
CA LEU A 360 -17.91 -5.67 9.10
C LEU A 360 -17.98 -4.26 8.52
N LEU A 361 -17.00 -3.88 7.69
CA LEU A 361 -17.04 -2.58 7.06
C LEU A 361 -18.25 -2.44 6.15
N GLY A 362 -18.64 -3.52 5.46
CA GLY A 362 -19.83 -3.46 4.61
C GLY A 362 -21.08 -3.11 5.40
N PHE A 363 -21.29 -3.79 6.52
CA PHE A 363 -22.46 -3.50 7.34
C PHE A 363 -22.37 -2.11 7.96
N SER A 364 -21.19 -1.74 8.47
CA SER A 364 -21.06 -0.45 9.14
C SER A 364 -21.05 0.73 8.18
N TYR A 365 -20.93 0.47 6.87
CA TYR A 365 -21.10 1.52 5.87
C TYR A 365 -22.49 1.53 5.27
N SER A 366 -23.14 0.37 5.14
CA SER A 366 -24.52 0.33 4.67
C SER A 366 -25.51 0.74 5.74
N LEU A 367 -25.11 0.73 7.02
CA LEU A 367 -26.01 1.12 8.09
C LEU A 367 -25.84 2.58 8.46
N LEU A 368 -24.62 3.13 8.38
CA LEU A 368 -24.45 4.55 8.63
C LEU A 368 -25.18 5.38 7.58
N ALA A 369 -25.11 4.96 6.31
CA ALA A 369 -25.98 5.52 5.30
C ALA A 369 -27.42 5.15 5.63
N CYS A 370 -28.35 5.98 5.14
CA CYS A 370 -29.80 5.85 5.38
C CYS A 370 -30.13 5.74 6.87
N ALA A 371 -29.21 6.14 7.75
CA ALA A 371 -29.51 6.30 9.17
C ALA A 371 -28.88 7.53 9.78
N LEU A 372 -28.08 8.29 9.04
CA LEU A 372 -27.47 9.51 9.51
C LEU A 372 -27.99 10.75 8.80
N TRP A 373 -28.11 10.68 7.48
CA TRP A 373 -28.66 11.80 6.73
C TRP A 373 -30.04 12.26 7.22
N PRO A 374 -30.98 11.38 7.57
CA PRO A 374 -32.26 11.86 8.12
C PRO A 374 -32.14 12.67 9.40
N MET A 375 -30.96 12.77 10.01
CA MET A 375 -30.81 13.61 11.20
C MET A 375 -31.04 15.08 10.87
N VAL A 376 -30.51 15.54 9.74
CA VAL A 376 -30.75 16.93 9.32
C VAL A 376 -32.18 17.16 8.87
N ALA A 377 -32.97 16.09 8.74
CA ALA A 377 -34.38 16.25 8.41
C ALA A 377 -35.19 16.72 9.62
N PHE A 378 -34.73 16.40 10.83
CA PHE A 378 -35.45 16.78 12.05
C PHE A 378 -34.85 17.98 12.75
N ILE A 379 -33.55 18.23 12.61
CA ILE A 379 -32.90 19.32 13.32
C ILE A 379 -33.31 20.66 12.73
N VAL A 380 -32.96 20.89 11.46
CA VAL A 380 -33.32 22.13 10.78
C VAL A 380 -34.74 21.96 10.23
N PRO A 381 -35.62 22.93 10.44
CA PRO A 381 -37.00 22.78 9.96
C PRO A 381 -37.12 22.98 8.46
N GLU A 382 -38.33 22.84 7.94
CA GLU A 382 -38.59 23.06 6.52
C GLU A 382 -38.25 24.51 6.15
N HIS A 383 -38.12 24.75 4.84
CA HIS A 383 -37.78 26.02 4.21
C HIS A 383 -36.27 26.27 4.31
N GLN A 384 -35.50 25.34 4.85
CA GLN A 384 -34.04 25.51 4.93
C GLN A 384 -33.25 24.27 4.58
N LEU A 385 -33.89 23.19 4.15
CA LEU A 385 -33.16 21.95 3.84
C LEU A 385 -32.23 22.14 2.66
N GLY A 386 -32.68 22.88 1.64
CA GLY A 386 -31.93 23.04 0.40
C GLY A 386 -30.58 23.68 0.56
N THR A 387 -30.33 24.34 1.69
CA THR A 387 -29.03 24.94 1.98
C THR A 387 -28.16 24.05 2.86
N ALA A 388 -28.75 23.45 3.90
CA ALA A 388 -28.00 22.56 4.78
C ALA A 388 -27.49 21.34 4.00
N TYR A 389 -28.33 20.75 3.16
CA TYR A 389 -27.89 19.59 2.39
C TYR A 389 -26.75 19.95 1.44
N GLY A 390 -26.86 21.11 0.78
CA GLY A 390 -25.78 21.55 -0.09
C GLY A 390 -24.50 21.81 0.67
N PHE A 391 -24.60 22.37 1.87
CA PHE A 391 -23.41 22.59 2.69
C PHE A 391 -22.76 21.27 3.07
N MET A 392 -23.57 20.27 3.43
CA MET A 392 -23.02 18.96 3.76
C MET A 392 -22.31 18.35 2.56
N GLN A 393 -22.94 18.42 1.38
CA GLN A 393 -22.32 17.88 0.18
C GLN A 393 -21.01 18.59 -0.13
N SER A 394 -21.00 19.91 -0.01
CA SER A 394 -19.79 20.68 -0.29
C SER A 394 -18.66 20.30 0.65
N ILE A 395 -18.95 20.24 1.95
CA ILE A 395 -17.90 19.95 2.92
C ILE A 395 -17.38 18.53 2.76
N GLN A 396 -18.26 17.58 2.47
CA GLN A 396 -17.82 16.21 2.27
C GLN A 396 -16.95 16.08 1.02
N ASN A 397 -17.36 16.70 -0.08
CA ASN A 397 -16.57 16.65 -1.30
C ASN A 397 -15.20 17.29 -1.12
N LEU A 398 -15.16 18.45 -0.45
CA LEU A 398 -13.89 19.11 -0.20
C LEU A 398 -13.00 18.26 0.68
N GLY A 399 -13.57 17.61 1.71
CA GLY A 399 -12.78 16.75 2.57
C GLY A 399 -12.16 15.59 1.81
N LEU A 400 -12.96 14.93 0.98
CA LEU A 400 -12.43 13.81 0.19
C LEU A 400 -11.33 14.29 -0.76
N ALA A 401 -11.56 15.41 -1.44
CA ALA A 401 -10.59 15.92 -2.41
C ALA A 401 -9.29 16.30 -1.73
N VAL A 402 -9.36 16.92 -0.55
CA VAL A 402 -8.15 17.36 0.13
C VAL A 402 -7.44 16.22 0.84
N ILE A 403 -8.15 15.14 1.19
CA ILE A 403 -7.48 14.04 1.88
C ILE A 403 -6.90 13.00 0.92
N ALA A 404 -7.44 12.89 -0.30
CA ALA A 404 -6.84 11.96 -1.26
C ALA A 404 -5.39 12.31 -1.53
N ILE A 405 -5.11 13.60 -1.76
CA ILE A 405 -3.75 14.05 -2.03
C ILE A 405 -2.86 13.83 -0.81
N LEU A 406 -3.38 14.13 0.38
CA LEU A 406 -2.58 13.96 1.60
C LEU A 406 -2.22 12.49 1.83
N ALA A 407 -3.19 11.58 1.61
CA ALA A 407 -2.90 10.16 1.77
C ALA A 407 -1.89 9.69 0.73
N GLY A 408 -2.04 10.13 -0.52
CA GLY A 408 -1.06 9.76 -1.54
C GLY A 408 0.33 10.28 -1.22
N MET A 409 0.41 11.47 -0.63
CA MET A 409 1.70 12.05 -0.29
C MET A 409 2.34 11.32 0.90
N ILE A 410 1.54 10.95 1.89
CA ILE A 410 2.09 10.31 3.08
C ILE A 410 2.40 8.84 2.86
N LEU A 411 1.75 8.19 1.88
CA LEU A 411 1.92 6.75 1.69
C LEU A 411 3.38 6.41 1.41
N ASP A 412 3.98 7.06 0.41
CA ASP A 412 5.36 6.75 0.06
C ASP A 412 6.34 7.35 1.05
N SER A 413 5.99 8.45 1.70
CA SER A 413 6.91 9.12 2.61
C SER A 413 7.03 8.39 3.95
N LYS A 414 5.99 7.69 4.40
CA LYS A 414 6.03 7.06 5.71
C LYS A 414 5.59 5.60 5.74
N GLY A 415 5.00 5.08 4.67
CA GLY A 415 4.66 3.67 4.63
C GLY A 415 3.18 3.37 4.69
N TYR A 416 2.81 2.34 5.45
CA TYR A 416 1.43 1.89 5.54
C TYR A 416 0.86 1.90 6.94
N LEU A 417 1.66 1.66 7.98
CA LEU A 417 1.15 1.65 9.33
C LEU A 417 0.65 3.04 9.73
N LEU A 418 1.38 4.08 9.34
CA LEU A 418 0.98 5.45 9.68
C LEU A 418 -0.35 5.82 9.02
N LEU A 419 -0.61 5.30 7.81
CA LEU A 419 -1.88 5.57 7.16
C LEU A 419 -3.04 4.98 7.95
N GLU A 420 -2.91 3.73 8.40
CA GLU A 420 -3.94 3.12 9.22
C GLU A 420 -4.09 3.84 10.55
N VAL A 421 -2.97 4.29 11.11
CA VAL A 421 -3.00 5.05 12.36
C VAL A 421 -3.81 6.34 12.18
N PHE A 422 -3.56 7.06 11.09
CA PHE A 422 -4.28 8.30 10.82
C PHE A 422 -5.76 8.04 10.57
N PHE A 423 -6.08 6.98 9.84
CA PHE A 423 -7.49 6.63 9.61
C PHE A 423 -8.19 6.31 10.92
N ILE A 424 -7.52 5.55 11.80
CA ILE A 424 -8.11 5.21 13.10
C ILE A 424 -8.30 6.46 13.94
N ALA A 425 -7.36 7.40 13.87
CA ALA A 425 -7.53 8.67 14.57
C ALA A 425 -8.76 9.43 14.06
N CYS A 426 -8.95 9.46 12.74
CA CYS A 426 -10.11 10.13 12.18
C CYS A 426 -11.40 9.47 12.65
N VAL A 427 -11.47 8.14 12.63
CA VAL A 427 -12.69 7.47 13.08
C VAL A 427 -12.90 7.67 14.58
N SER A 428 -11.82 7.76 15.35
CA SER A 428 -11.94 8.04 16.78
C SER A 428 -12.53 9.42 17.01
N LEU A 429 -12.09 10.41 16.23
CA LEU A 429 -12.70 11.75 16.31
C LEU A 429 -14.18 11.68 15.93
N SER A 430 -14.50 10.87 14.92
CA SER A 430 -15.90 10.69 14.53
C SER A 430 -16.73 10.15 15.68
N LEU A 431 -16.23 9.12 16.37
CA LEU A 431 -16.96 8.54 17.49
C LEU A 431 -17.08 9.52 18.64
N LEU A 432 -16.02 10.28 18.92
CA LEU A 432 -16.09 11.30 19.97
C LEU A 432 -17.17 12.32 19.67
N ALA A 433 -17.24 12.78 18.42
CA ALA A 433 -18.29 13.73 18.07
C ALA A 433 -19.68 13.10 18.10
N VAL A 434 -19.79 11.81 17.74
CA VAL A 434 -21.08 11.13 17.82
C VAL A 434 -21.58 11.09 19.27
N VAL A 435 -20.69 10.70 20.18
CA VAL A 435 -21.10 10.58 21.58
C VAL A 435 -21.32 11.97 22.19
N CYS A 436 -20.61 12.99 21.71
CA CYS A 436 -20.89 14.35 22.14
C CYS A 436 -22.28 14.80 21.69
N LEU A 437 -22.66 14.45 20.45
CA LEU A 437 -24.01 14.75 19.99
C LEU A 437 -25.05 14.02 20.82
N TYR A 438 -24.76 12.77 21.19
CA TYR A 438 -25.65 12.05 22.09
C TYR A 438 -25.79 12.78 23.43
N LEU A 439 -24.68 13.27 23.97
CA LEU A 439 -24.71 13.99 25.24
C LEU A 439 -25.55 15.26 25.13
N VAL A 440 -25.38 16.01 24.04
CA VAL A 440 -26.10 17.28 23.89
C VAL A 440 -27.61 17.03 23.79
N ASN A 441 -28.01 16.02 23.02
CA ASN A 441 -29.43 15.74 22.83
C ASN A 441 -30.11 15.28 24.12
N ARG A 442 -29.34 14.89 25.14
CA ARG A 442 -29.92 14.42 26.38
C ARG A 442 -30.74 15.52 27.06
N ALA A 443 -30.24 16.75 27.04
CA ALA A 443 -30.91 17.84 27.74
C ALA A 443 -32.24 18.19 27.08
N GLN A 444 -32.20 18.60 25.81
CA GLN A 444 -33.41 19.03 25.12
C GLN A 444 -34.28 17.84 24.74
N GLY A 445 -33.76 16.96 23.90
CA GLY A 445 -34.50 15.79 23.47
C GLY A 445 -35.43 16.08 22.31
N GLY A 446 -35.96 15.00 21.73
CA GLY A 446 -36.88 15.10 20.61
C GLY A 446 -36.19 15.38 19.29
N THR B 38 27.39 -2.87 24.09
CA THR B 38 28.54 -1.97 24.05
C THR B 38 29.84 -2.77 24.03
N ARG B 39 30.52 -2.77 22.88
CA ARG B 39 31.75 -3.52 22.70
C ARG B 39 32.71 -2.73 21.83
N GLN B 40 33.99 -3.06 21.93
CA GLN B 40 35.03 -2.35 21.20
C GLN B 40 35.16 -2.91 19.78
N VAL B 41 35.95 -2.21 18.97
CA VAL B 41 36.22 -2.61 17.60
C VAL B 41 37.72 -2.46 17.33
N SER B 42 38.20 -3.23 16.35
CA SER B 42 39.60 -3.18 15.97
C SER B 42 39.83 -3.86 14.62
N MET B 43 40.45 -3.15 13.68
CA MET B 43 40.81 -3.70 12.38
C MET B 43 42.31 -3.97 12.34
N GLU B 44 42.70 -4.84 11.39
CA GLU B 44 44.09 -5.23 11.22
C GLU B 44 44.21 -6.02 9.92
N VAL B 45 45.34 -5.85 9.23
CA VAL B 45 45.58 -6.48 7.95
C VAL B 45 46.97 -7.11 7.93
N ILE B 46 47.11 -8.17 7.15
CA ILE B 46 48.36 -8.93 7.05
C ILE B 46 48.72 -9.06 5.58
N SER B 47 50.02 -8.95 5.28
CA SER B 47 50.52 -9.14 3.93
C SER B 47 51.74 -10.08 3.98
N GLY B 48 51.87 -10.89 2.93
CA GLY B 48 52.95 -11.86 2.84
C GLY B 48 53.93 -11.46 1.74
N TRP B 49 55.22 -11.47 2.08
CA TRP B 49 56.25 -11.09 1.11
C TRP B 49 56.28 -12.00 -0.12
N PRO B 50 56.22 -13.33 0.00
CA PRO B 50 56.23 -14.14 -1.24
C PRO B 50 55.10 -13.82 -2.20
N ASN B 51 53.91 -13.53 -1.68
CA ASN B 51 52.77 -13.20 -2.53
C ASN B 51 51.76 -12.38 -1.73
N PRO B 52 51.83 -11.05 -1.79
CA PRO B 52 50.87 -10.23 -1.03
C PRO B 52 49.45 -10.46 -1.49
N GLN B 53 48.54 -10.48 -0.52
CA GLN B 53 47.11 -10.64 -0.79
C GLN B 53 46.34 -9.89 0.29
N ASN B 54 45.03 -9.86 0.15
CA ASN B 54 44.16 -9.11 1.04
C ASN B 54 43.65 -10.01 2.17
N LEU B 55 43.60 -9.45 3.38
CA LEU B 55 43.08 -10.18 4.54
C LEU B 55 42.69 -9.17 5.60
N LEU B 56 41.40 -9.09 5.91
CA LEU B 56 40.88 -8.18 6.94
C LEU B 56 40.35 -8.99 8.10
N HIS B 57 40.76 -8.62 9.31
CA HIS B 57 40.38 -9.33 10.53
C HIS B 57 39.74 -8.35 11.49
N ILE B 58 38.52 -8.67 11.94
CA ILE B 58 37.74 -7.81 12.81
C ILE B 58 37.63 -8.47 14.18
N ARG B 59 37.97 -7.73 15.23
CA ARG B 59 37.90 -8.22 16.60
C ARG B 59 37.04 -7.27 17.43
N ALA B 60 36.01 -7.81 18.07
CA ALA B 60 35.15 -7.05 18.96
C ALA B 60 35.25 -7.65 20.36
N VAL B 61 35.58 -6.81 21.34
CA VAL B 61 35.77 -7.22 22.71
C VAL B 61 34.88 -6.39 23.61
N GLY B 62 34.22 -7.06 24.57
CA GLY B 62 33.37 -6.38 25.52
C GLY B 62 33.77 -6.66 26.95
N SER B 63 32.82 -7.13 27.76
CA SER B 63 33.11 -7.47 29.15
C SER B 63 33.74 -8.86 29.27
N ASN B 64 33.02 -9.88 28.82
CA ASN B 64 33.49 -11.26 28.93
C ASN B 64 33.20 -12.07 27.67
N SER B 65 33.22 -11.42 26.51
CA SER B 65 32.98 -12.11 25.25
C SER B 65 33.77 -11.42 24.15
N THR B 66 34.24 -12.20 23.18
CA THR B 66 35.01 -11.68 22.06
C THR B 66 34.54 -12.33 20.77
N LEU B 67 34.60 -11.57 19.69
CA LEU B 67 34.30 -12.07 18.35
C LEU B 67 35.53 -11.96 17.48
N HIS B 68 35.61 -12.85 16.48
CA HIS B 68 36.81 -12.99 15.67
C HIS B 68 36.46 -13.09 14.19
N TYR B 69 35.66 -12.15 13.69
CA TYR B 69 35.36 -12.09 12.26
C TYR B 69 36.66 -12.07 11.46
N VAL B 70 36.72 -12.90 10.42
CA VAL B 70 37.84 -12.92 9.50
C VAL B 70 37.28 -12.85 8.08
N TRP B 71 37.77 -11.89 7.31
CA TRP B 71 37.32 -11.66 5.93
C TRP B 71 38.49 -11.92 4.99
N SER B 72 38.40 -13.01 4.23
CA SER B 72 39.43 -13.38 3.27
C SER B 72 38.83 -13.35 1.86
N SER B 73 39.69 -13.03 0.89
CA SER B 73 39.29 -12.97 -0.50
C SER B 73 40.36 -13.59 -1.39
N LEU B 74 40.94 -14.70 -0.94
CA LEU B 74 42.03 -15.31 -1.68
C LEU B 74 41.58 -15.77 -3.07
N GLY B 75 40.73 -16.79 -3.12
CA GLY B 75 40.04 -17.07 -4.36
C GLY B 75 38.62 -16.53 -4.37
N PRO B 76 37.78 -17.05 -3.46
CA PRO B 76 36.44 -16.49 -3.29
C PRO B 76 36.39 -15.54 -2.09
N PRO B 77 35.36 -14.70 -2.02
CA PRO B 77 35.06 -14.04 -0.74
C PRO B 77 34.59 -15.06 0.28
N ALA B 78 34.91 -14.81 1.55
CA ALA B 78 34.55 -15.77 2.59
C ALA B 78 34.46 -15.07 3.93
N VAL B 79 33.75 -15.70 4.86
CA VAL B 79 33.58 -15.23 6.21
C VAL B 79 33.64 -16.43 7.14
N VAL B 80 34.37 -16.31 8.25
CA VAL B 80 34.41 -17.34 9.28
C VAL B 80 34.23 -16.67 10.64
N LEU B 81 33.35 -17.24 11.46
CA LEU B 81 33.06 -16.71 12.78
C LEU B 81 33.69 -17.58 13.85
N VAL B 82 34.19 -16.92 14.90
CA VAL B 82 34.76 -17.61 16.06
C VAL B 82 34.19 -16.95 17.31
N ALA B 83 33.73 -17.76 18.25
CA ALA B 83 33.20 -17.29 19.53
C ALA B 83 34.05 -17.85 20.65
N THR B 84 34.48 -16.98 21.57
CA THR B 84 35.28 -17.38 22.72
C THR B 84 34.69 -16.76 23.97
N ASN B 85 34.50 -17.58 25.01
CA ASN B 85 34.01 -17.05 26.28
C ASN B 85 35.09 -16.29 27.04
N THR B 86 36.36 -16.50 26.71
CA THR B 86 37.44 -15.75 27.32
C THR B 86 37.48 -14.33 26.77
N THR B 87 38.05 -13.43 27.58
CA THR B 87 38.19 -12.04 27.19
C THR B 87 39.54 -11.73 26.55
N GLN B 88 40.42 -12.71 26.42
CA GLN B 88 41.71 -12.54 25.75
C GLN B 88 41.92 -13.70 24.80
N SER B 89 42.13 -13.39 23.53
CA SER B 89 42.36 -14.40 22.50
C SER B 89 42.89 -13.71 21.25
N VAL B 90 43.86 -14.35 20.59
CA VAL B 90 44.50 -13.79 19.40
C VAL B 90 44.59 -14.89 18.35
N LEU B 91 45.09 -14.50 17.17
CA LEU B 91 45.25 -15.41 16.05
C LEU B 91 46.71 -15.88 15.94
N SER B 92 46.92 -16.85 15.05
CA SER B 92 48.25 -17.40 14.79
C SER B 92 48.35 -17.63 13.29
N VAL B 93 48.88 -16.65 12.58
CA VAL B 93 48.97 -16.69 11.12
C VAL B 93 50.26 -17.38 10.72
N ASN B 94 50.20 -18.11 9.60
CA ASN B 94 51.39 -18.76 9.04
C ASN B 94 51.24 -18.75 7.52
N TRP B 95 51.83 -17.76 6.87
CA TRP B 95 51.72 -17.65 5.42
C TRP B 95 52.44 -18.79 4.71
N SER B 96 53.41 -19.42 5.37
CA SER B 96 54.16 -20.51 4.76
C SER B 96 53.24 -21.68 4.40
N LEU B 97 52.37 -22.06 5.34
CA LEU B 97 51.41 -23.13 5.05
C LEU B 97 50.39 -22.67 4.02
N LEU B 98 49.94 -21.42 4.09
CA LEU B 98 48.97 -20.90 3.14
C LEU B 98 49.56 -20.66 1.75
N LEU B 99 50.88 -20.77 1.60
CA LEU B 99 51.53 -20.59 0.31
C LEU B 99 51.07 -21.65 -0.69
N ASP B 102 48.68 -27.90 -2.27
CA ASP B 102 47.52 -28.29 -1.48
C ASP B 102 47.61 -27.87 0.00
N PRO B 103 47.55 -26.56 0.24
CA PRO B 103 47.68 -26.06 1.61
C PRO B 103 46.60 -26.63 2.53
N ALA B 104 47.02 -27.00 3.73
CA ALA B 104 46.10 -27.49 4.76
C ALA B 104 46.52 -27.00 6.14
N GLY B 105 47.11 -25.80 6.21
CA GLY B 105 47.66 -25.31 7.45
C GLY B 105 46.60 -24.96 8.48
N ALA B 106 47.06 -24.63 9.67
CA ALA B 106 46.20 -24.30 10.80
C ALA B 106 46.21 -22.80 11.03
N LEU B 107 45.02 -22.20 11.11
CA LEU B 107 44.84 -20.79 11.44
C LEU B 107 43.82 -20.75 12.57
N MET B 108 44.32 -20.88 13.80
CA MET B 108 43.46 -21.06 14.98
C MET B 108 43.76 -20.00 16.04
N VAL B 109 43.17 -20.17 17.22
CA VAL B 109 43.41 -19.29 18.35
C VAL B 109 44.05 -20.13 19.47
N LEU B 110 44.79 -19.43 20.34
CA LEU B 110 45.47 -20.11 21.44
C LEU B 110 44.52 -20.80 22.40
N PRO B 111 43.44 -20.15 22.91
CA PRO B 111 42.54 -20.86 23.83
C PRO B 111 41.67 -21.86 23.12
N LYS B 112 42.20 -23.06 22.88
CA LYS B 112 41.46 -24.08 22.14
C LYS B 112 40.16 -24.47 22.86
N SER B 113 40.20 -24.49 24.20
CA SER B 113 39.02 -24.87 24.96
C SER B 113 37.88 -23.86 24.77
N SER B 114 38.21 -22.59 24.52
CA SER B 114 37.19 -21.57 24.34
C SER B 114 36.56 -21.59 22.96
N ILE B 115 37.06 -22.41 22.04
CA ILE B 115 36.49 -22.49 20.70
C ILE B 115 35.08 -23.03 20.79
N GLN B 116 34.13 -22.32 20.17
CA GLN B 116 32.74 -22.74 20.17
C GLN B 116 32.00 -22.04 19.05
N PHE B 117 31.20 -22.80 18.30
CA PHE B 117 30.36 -22.28 17.21
C PHE B 117 31.21 -21.57 16.16
N SER B 118 32.02 -22.37 15.46
CA SER B 118 32.74 -21.88 14.29
C SER B 118 31.91 -22.17 13.04
N SER B 119 31.48 -21.10 12.36
CA SER B 119 30.67 -21.20 11.16
C SER B 119 31.34 -20.45 10.02
N ALA B 120 30.79 -20.60 8.82
CA ALA B 120 31.40 -19.99 7.65
C ALA B 120 30.38 -19.78 6.54
N LEU B 121 30.66 -18.80 5.69
CA LEU B 121 29.92 -18.58 4.46
C LEU B 121 30.90 -18.38 3.31
N VAL B 122 30.49 -18.78 2.10
CA VAL B 122 31.33 -18.65 0.92
C VAL B 122 30.45 -18.19 -0.24
N PHE B 123 30.66 -16.96 -0.70
CA PHE B 123 30.01 -16.46 -1.91
C PHE B 123 30.74 -17.05 -3.10
N THR B 124 30.42 -18.30 -3.41
CA THR B 124 31.23 -19.08 -4.33
C THR B 124 31.00 -18.72 -5.80
N ARG B 125 29.78 -18.34 -6.19
CA ARG B 125 29.51 -18.11 -7.61
C ARG B 125 28.46 -17.01 -7.78
N LEU B 126 28.52 -16.36 -8.94
CA LEU B 126 27.53 -15.39 -9.38
C LEU B 126 26.83 -15.96 -10.60
N LEU B 127 25.51 -16.09 -10.53
CA LEU B 127 24.74 -16.77 -11.56
C LEU B 127 24.06 -15.77 -12.48
N GLU B 128 24.18 -16.01 -13.79
CA GLU B 128 23.48 -15.22 -14.80
C GLU B 128 22.19 -15.94 -15.17
N PHE B 129 21.08 -15.43 -14.67
CA PHE B 129 19.77 -16.01 -14.91
C PHE B 129 19.04 -15.16 -15.93
N ASP B 130 18.49 -15.79 -16.97
CA ASP B 130 17.96 -15.04 -18.10
C ASP B 130 16.44 -15.11 -18.20
N SER B 131 15.87 -16.30 -18.33
CA SER B 131 14.42 -16.51 -18.32
C SER B 131 13.70 -15.46 -19.17
N THR B 132 13.99 -15.48 -20.46
CA THR B 132 13.50 -14.46 -21.38
C THR B 132 12.01 -14.54 -21.66
N ASN B 133 11.34 -15.61 -21.23
CA ASN B 133 9.92 -15.82 -21.52
C ASN B 133 9.01 -15.51 -20.35
N ALA B 134 9.31 -16.04 -19.16
CA ALA B 134 8.46 -15.83 -18.00
C ALA B 134 9.23 -15.15 -16.87
N GLY B 142 15.88 -20.73 -16.82
CA GLY B 142 15.61 -19.91 -17.98
C GLY B 142 16.83 -19.60 -18.81
N LYS B 143 17.29 -20.62 -19.55
CA LYS B 143 18.49 -20.56 -20.38
C LYS B 143 19.65 -20.10 -19.49
N PRO B 144 20.19 -20.99 -18.66
CA PRO B 144 21.19 -20.58 -17.67
C PRO B 144 22.57 -20.29 -18.27
N TYR B 145 22.77 -19.05 -18.71
CA TYR B 145 24.08 -18.61 -19.16
C TYR B 145 25.15 -19.05 -18.16
N PRO B 146 26.30 -19.53 -18.63
CA PRO B 146 27.31 -20.10 -17.71
C PRO B 146 27.74 -19.08 -16.67
N PRO B 147 27.94 -19.51 -15.43
CA PRO B 147 28.23 -18.55 -14.35
C PRO B 147 29.64 -18.01 -14.43
N TYR B 148 29.83 -16.85 -13.81
CA TYR B 148 31.14 -16.25 -13.64
C TYR B 148 31.75 -16.76 -12.35
N SER B 149 32.97 -17.30 -12.45
CA SER B 149 33.64 -17.86 -11.29
C SER B 149 34.30 -16.75 -10.48
N LEU B 150 33.95 -16.65 -9.20
CA LEU B 150 34.54 -15.66 -8.31
C LEU B 150 35.85 -16.20 -7.73
N ALA B 151 36.77 -16.53 -8.62
CA ALA B 151 38.07 -17.04 -8.23
C ALA B 151 39.24 -16.44 -9.01
N LYS B 152 39.00 -15.75 -10.12
CA LYS B 152 40.06 -15.21 -10.96
C LYS B 152 40.10 -13.69 -10.93
N PHE B 153 39.60 -13.07 -9.86
CA PHE B 153 39.51 -11.63 -9.75
C PHE B 153 40.66 -11.10 -8.93
N SER B 154 41.34 -10.06 -9.45
CA SER B 154 42.48 -9.47 -8.78
C SER B 154 41.99 -8.35 -7.87
N TRP B 155 41.65 -8.71 -6.63
CA TRP B 155 41.11 -7.75 -5.69
C TRP B 155 42.17 -6.71 -5.30
N ASN B 156 41.72 -5.46 -5.16
CA ASN B 156 42.63 -4.37 -4.88
C ASN B 156 43.07 -4.38 -3.42
N ASN B 157 44.02 -3.51 -3.10
CA ASN B 157 44.57 -3.44 -1.75
C ASN B 157 43.52 -2.94 -0.76
N ILE B 158 43.44 -3.60 0.39
CA ILE B 158 42.48 -3.18 1.42
C ILE B 158 42.93 -1.88 2.07
N THR B 159 44.24 -1.75 2.33
CA THR B 159 44.74 -0.58 3.04
C THR B 159 44.53 0.72 2.28
N ASN B 160 44.30 0.64 0.97
CA ASN B 160 44.02 1.84 0.20
C ASN B 160 42.70 2.48 0.62
N SER B 161 41.67 1.66 0.86
CA SER B 161 40.34 2.15 1.17
C SER B 161 39.99 2.04 2.64
N LEU B 162 40.73 1.26 3.43
CA LEU B 162 40.39 1.07 4.83
C LEU B 162 40.57 2.38 5.60
N ASP B 163 39.63 2.63 6.52
CA ASP B 163 39.70 3.81 7.39
C ASP B 163 38.95 3.49 8.67
N LEU B 164 39.68 3.47 9.79
CA LEU B 164 39.09 3.11 11.08
C LEU B 164 38.07 4.14 11.55
N ALA B 165 38.11 5.36 11.01
CA ALA B 165 37.16 6.39 11.43
C ALA B 165 35.73 5.97 11.11
N ASN B 166 35.51 5.37 9.94
CA ASN B 166 34.18 4.95 9.53
C ASN B 166 33.96 3.45 9.61
N LEU B 167 35.01 2.67 9.89
CA LEU B 167 34.92 1.22 10.05
C LEU B 167 34.37 0.56 8.79
N SER B 168 35.11 0.72 7.69
CA SER B 168 34.68 0.21 6.41
C SER B 168 35.89 -0.20 5.58
N ALA B 169 35.63 -1.02 4.56
CA ALA B 169 36.66 -1.45 3.61
C ALA B 169 35.97 -1.82 2.31
N ASP B 170 36.75 -1.84 1.24
CA ASP B 170 36.22 -2.10 -0.10
C ASP B 170 36.95 -3.27 -0.74
N PHE B 171 36.20 -4.13 -1.40
CA PHE B 171 36.74 -5.25 -2.17
C PHE B 171 36.32 -5.08 -3.62
N GLN B 172 37.29 -5.11 -4.52
CA GLN B 172 37.01 -4.89 -5.94
C GLN B 172 38.04 -5.67 -6.76
N GLY B 173 37.59 -6.69 -7.47
CA GLY B 173 38.50 -7.62 -8.10
C GLY B 173 38.72 -7.46 -9.59
N ARG B 174 37.64 -7.24 -10.35
CA ARG B 174 37.66 -7.14 -11.82
C ARG B 174 38.04 -8.47 -12.45
N PRO B 175 37.65 -8.72 -13.70
CA PRO B 175 38.01 -10.00 -14.34
C PRO B 175 39.37 -9.94 -15.02
N VAL B 176 39.83 -11.09 -15.53
CA VAL B 176 41.08 -11.18 -16.26
C VAL B 176 40.85 -11.60 -17.71
N ASP B 177 39.61 -11.53 -18.16
CA ASP B 177 39.27 -11.90 -19.53
C ASP B 177 37.98 -11.22 -20.01
N ALA B 182 31.10 -7.82 -19.47
CA ALA B 182 31.41 -8.40 -18.17
C ALA B 182 31.58 -7.31 -17.12
N PHE B 183 32.80 -7.17 -16.61
CA PHE B 183 33.15 -6.15 -15.62
C PHE B 183 34.36 -5.35 -16.09
N ALA B 184 34.30 -4.88 -17.35
CA ALA B 184 35.42 -4.14 -17.91
C ALA B 184 35.68 -2.85 -17.15
N ASN B 185 34.62 -2.13 -16.78
CA ASN B 185 34.72 -0.89 -16.00
C ASN B 185 34.00 -1.12 -14.68
N GLY B 186 34.76 -1.30 -13.61
CA GLY B 186 34.19 -1.60 -12.32
C GLY B 186 33.82 -3.06 -12.17
N SER B 187 33.67 -3.48 -10.92
CA SER B 187 33.34 -4.87 -10.61
C SER B 187 32.57 -4.90 -9.30
N LEU B 188 32.47 -6.08 -8.70
CA LEU B 188 31.85 -6.22 -7.39
C LEU B 188 32.55 -5.34 -6.37
N THR B 189 31.74 -4.65 -5.55
CA THR B 189 32.27 -3.77 -4.50
C THR B 189 31.67 -4.20 -3.15
N PHE B 190 32.35 -5.13 -2.49
CA PHE B 190 31.95 -5.52 -1.15
C PHE B 190 32.22 -4.39 -0.17
N LYS B 191 31.29 -4.17 0.75
CA LYS B 191 31.38 -3.10 1.74
C LYS B 191 31.19 -3.71 3.12
N VAL B 192 32.28 -4.19 3.71
CA VAL B 192 32.26 -4.70 5.07
C VAL B 192 32.21 -3.54 6.05
N GLN B 193 31.52 -3.74 7.16
CA GLN B 193 31.35 -2.67 8.14
C GLN B 193 31.06 -3.27 9.51
N ALA B 194 31.78 -2.78 10.52
CA ALA B 194 31.56 -3.22 11.89
C ALA B 194 30.63 -2.24 12.60
N PHE B 195 30.39 -2.48 13.89
CA PHE B 195 29.51 -1.61 14.66
C PHE B 195 30.00 -1.56 16.10
N SER B 196 29.68 -0.47 16.78
CA SER B 196 30.14 -0.23 18.14
C SER B 196 29.01 -0.18 19.15
N ARG B 197 27.92 0.52 18.84
CA ARG B 197 26.80 0.66 19.75
C ARG B 197 25.49 0.46 18.99
N SER B 198 24.44 0.11 19.74
CA SER B 198 23.12 -0.08 19.15
C SER B 198 22.64 1.22 18.51
N GLY B 199 22.05 1.11 17.33
CA GLY B 199 21.57 2.28 16.62
C GLY B 199 20.92 1.88 15.31
N ARG B 200 20.54 2.90 14.54
CA ARG B 200 19.86 2.70 13.27
C ARG B 200 20.60 3.43 12.17
N PRO B 201 20.99 2.76 11.09
CA PRO B 201 21.65 3.45 9.98
C PRO B 201 20.70 4.41 9.28
N ALA B 202 21.28 5.43 8.67
CA ALA B 202 20.52 6.42 7.91
C ALA B 202 20.31 6.02 6.45
N GLN B 203 20.94 4.94 6.00
CA GLN B 203 20.79 4.51 4.62
C GLN B 203 19.37 4.02 4.36
N PRO B 204 18.89 4.14 3.13
CA PRO B 204 17.48 3.80 2.83
C PRO B 204 17.12 2.38 3.23
N PRO B 205 18.00 1.37 3.03
CA PRO B 205 17.74 0.07 3.66
C PRO B 205 18.14 0.11 5.12
N ARG B 206 17.15 0.18 6.00
CA ARG B 206 17.37 0.41 7.42
C ARG B 206 17.22 -0.90 8.17
N LEU B 207 18.25 -1.27 8.92
CA LEU B 207 18.26 -2.46 9.76
C LEU B 207 18.45 -2.05 11.21
N LEU B 208 18.59 -3.05 12.08
CA LEU B 208 18.73 -2.85 13.53
C LEU B 208 19.94 -3.65 14.01
N HIS B 209 21.11 -3.03 14.01
CA HIS B 209 22.29 -3.69 14.54
C HIS B 209 22.28 -3.65 16.07
N THR B 210 22.91 -4.65 16.68
CA THR B 210 22.94 -4.80 18.12
C THR B 210 24.36 -4.70 18.68
N ALA B 211 25.22 -3.94 18.00
CA ALA B 211 26.62 -3.77 18.40
C ALA B 211 27.35 -5.10 18.54
N ASP B 212 26.81 -6.15 17.92
CA ASP B 212 27.39 -7.48 18.03
C ASP B 212 27.34 -8.20 16.68
N VAL B 213 27.09 -7.48 15.60
CA VAL B 213 26.93 -8.05 14.27
C VAL B 213 27.71 -7.20 13.28
N CYS B 214 27.61 -7.56 12.00
CA CYS B 214 28.30 -6.89 10.91
C CYS B 214 27.30 -6.55 9.80
N GLN B 215 27.78 -5.83 8.79
CA GLN B 215 26.96 -5.45 7.64
C GLN B 215 27.75 -5.74 6.37
N LEU B 216 27.05 -6.24 5.35
CA LEU B 216 27.67 -6.74 4.14
C LEU B 216 26.95 -6.20 2.90
N GLU B 217 26.84 -4.87 2.83
CA GLU B 217 26.28 -4.25 1.63
C GLU B 217 27.13 -4.60 0.41
N VAL B 218 26.58 -5.41 -0.48
CA VAL B 218 27.31 -5.93 -1.64
C VAL B 218 26.74 -5.32 -2.91
N ALA B 219 27.61 -4.92 -3.82
CA ALA B 219 27.20 -4.30 -5.07
C ALA B 219 28.25 -4.55 -6.14
N LEU B 220 27.85 -4.39 -7.39
CA LEU B 220 28.75 -4.48 -8.53
C LEU B 220 28.43 -3.33 -9.48
N VAL B 221 29.42 -2.49 -9.77
CA VAL B 221 29.23 -1.30 -10.58
C VAL B 221 29.84 -1.56 -11.97
N GLY B 222 28.99 -1.48 -12.99
CA GLY B 222 29.47 -1.64 -14.35
C GLY B 222 29.36 -3.07 -14.86
N ALA B 223 28.39 -3.33 -15.73
CA ALA B 223 28.20 -4.68 -16.24
C ALA B 223 27.55 -4.61 -17.62
N SER B 224 27.87 -5.58 -18.45
CA SER B 224 27.31 -5.70 -19.80
C SER B 224 26.48 -6.96 -19.89
N PRO B 225 25.15 -6.87 -19.78
CA PRO B 225 24.32 -8.07 -19.84
C PRO B 225 24.39 -8.75 -21.20
N ARG B 226 24.24 -10.07 -21.17
CA ARG B 226 24.25 -10.87 -22.40
C ARG B 226 22.87 -11.01 -23.02
N GLY B 227 21.95 -10.11 -22.70
CA GLY B 227 20.62 -10.14 -23.27
C GLY B 227 19.83 -8.94 -22.79
N ASN B 228 18.69 -8.74 -23.42
CA ASN B 228 17.79 -7.63 -23.07
C ASN B 228 16.88 -7.99 -21.90
N HIS B 229 17.48 -8.41 -20.79
CA HIS B 229 16.72 -8.74 -19.59
C HIS B 229 17.65 -8.64 -18.39
N SER B 230 17.05 -8.42 -17.22
CA SER B 230 17.80 -8.21 -15.98
C SER B 230 17.36 -9.21 -14.92
N LEU B 231 18.22 -10.20 -14.65
CA LEU B 231 18.02 -11.13 -13.54
C LEU B 231 19.39 -11.63 -13.11
N PHE B 232 19.76 -11.35 -11.86
CA PHE B 232 21.06 -11.72 -11.34
C PHE B 232 20.89 -12.56 -10.08
N GLY B 233 21.91 -13.37 -9.78
CA GLY B 233 21.82 -14.28 -8.65
C GLY B 233 23.16 -14.53 -8.01
N LEU B 234 23.12 -14.86 -6.72
CA LEU B 234 24.28 -15.23 -5.94
C LEU B 234 24.06 -16.61 -5.33
N GLU B 235 25.15 -17.33 -5.11
CA GLU B 235 25.11 -18.71 -4.63
C GLU B 235 25.78 -18.76 -3.26
N VAL B 236 24.99 -18.54 -2.21
CA VAL B 236 25.50 -18.57 -0.84
C VAL B 236 25.58 -20.03 -0.39
N ALA B 237 26.75 -20.42 0.11
CA ALA B 237 27.00 -21.79 0.55
C ALA B 237 27.46 -21.76 2.01
N THR B 238 26.58 -22.17 2.91
CA THR B 238 26.89 -22.17 4.34
C THR B 238 27.71 -23.41 4.70
N LEU B 239 28.07 -23.51 5.98
CA LEU B 239 28.79 -24.68 6.48
C LEU B 239 28.50 -24.81 7.98
N GLY B 240 27.60 -25.72 8.32
CA GLY B 240 27.25 -25.92 9.72
C GLY B 240 28.33 -26.66 10.48
N GLN B 241 28.51 -26.26 11.74
CA GLN B 241 29.50 -26.92 12.58
C GLN B 241 29.14 -28.38 12.83
N GLY B 242 27.86 -28.64 13.14
CA GLY B 242 27.39 -29.99 13.35
C GLY B 242 26.72 -30.55 12.12
N PRO B 243 26.68 -31.88 12.01
CA PRO B 243 26.06 -32.52 10.83
C PRO B 243 24.54 -32.37 10.89
N ASP B 244 24.02 -31.46 10.09
CA ASP B 244 22.59 -31.15 10.03
C ASP B 244 22.37 -30.27 8.79
N CYS B 245 21.14 -29.80 8.62
CA CYS B 245 20.79 -28.88 7.56
C CYS B 245 20.28 -27.58 8.18
N PRO B 246 20.92 -26.44 7.93
CA PRO B 246 20.42 -25.18 8.48
C PRO B 246 18.99 -24.89 8.01
N SER B 247 18.18 -24.37 8.91
CA SER B 247 16.76 -24.14 8.65
C SER B 247 16.52 -22.68 8.37
N VAL B 248 15.88 -22.39 7.23
CA VAL B 248 15.51 -21.03 6.84
C VAL B 248 14.01 -20.87 7.03
N ASN B 249 13.60 -19.78 7.67
CA ASN B 249 12.19 -19.52 7.88
C ASN B 249 11.83 -18.11 7.40
N GLU B 250 10.61 -17.67 7.68
CA GLU B 250 10.13 -16.37 7.27
C GLU B 250 9.22 -15.82 8.35
N ARG B 251 9.46 -14.58 8.76
CA ARG B 251 8.77 -13.97 9.89
C ARG B 251 7.95 -12.78 9.43
N ASN B 252 6.92 -12.46 10.23
CA ASN B 252 6.02 -11.36 9.93
C ASN B 252 6.18 -10.27 10.99
N SER B 253 6.15 -9.01 10.54
CA SER B 253 6.29 -7.87 11.42
C SER B 253 5.16 -6.88 11.16
N ILE B 254 4.71 -6.24 12.24
CA ILE B 254 3.63 -5.26 12.13
C ILE B 254 4.17 -3.91 11.67
N ASP B 255 5.22 -3.43 12.32
CA ASP B 255 5.74 -2.09 12.03
C ASP B 255 6.30 -2.02 10.62
N ASP B 256 5.97 -0.93 9.92
CA ASP B 256 6.48 -0.70 8.57
C ASP B 256 6.95 0.75 8.40
N GLU B 257 7.34 1.40 9.50
CA GLU B 257 7.89 2.75 9.40
C GLU B 257 9.17 2.77 8.59
N TYR B 258 9.95 1.69 8.66
CA TYR B 258 11.26 1.61 8.05
C TYR B 258 11.18 0.73 6.81
N ALA B 259 11.70 1.22 5.68
CA ALA B 259 11.66 0.50 4.42
C ALA B 259 10.24 0.07 4.11
N PRO B 260 9.38 0.97 3.64
CA PRO B 260 7.95 0.65 3.49
C PRO B 260 7.70 -0.49 2.51
N ALA B 261 6.47 -1.02 2.59
CA ALA B 261 5.93 -1.97 1.62
C ALA B 261 6.56 -3.36 1.74
N VAL B 262 7.25 -3.60 2.86
CA VAL B 262 7.74 -4.94 3.18
C VAL B 262 7.46 -5.24 4.65
N PHE B 263 6.92 -6.43 4.92
CA PHE B 263 6.58 -6.83 6.28
C PHE B 263 7.28 -8.13 6.69
N GLN B 264 8.23 -8.62 5.90
CA GLN B 264 8.88 -9.89 6.15
C GLN B 264 10.35 -9.67 6.51
N LEU B 265 10.83 -10.45 7.47
CA LEU B 265 12.20 -10.35 7.96
C LEU B 265 12.78 -11.76 7.97
N ASN B 266 13.54 -12.10 6.91
CA ASN B 266 14.08 -13.44 6.78
C ASN B 266 15.07 -13.74 7.91
N GLN B 267 15.37 -15.03 8.07
CA GLN B 267 16.28 -15.48 9.10
C GLN B 267 16.94 -16.78 8.66
N LEU B 268 18.05 -17.11 9.31
CA LEU B 268 18.76 -18.36 9.04
C LEU B 268 19.56 -18.69 10.29
N LEU B 269 19.13 -19.72 11.02
CA LEU B 269 19.72 -20.08 12.29
C LEU B 269 20.45 -21.42 12.16
N TRP B 270 21.71 -21.44 12.59
CA TRP B 270 22.49 -22.67 12.56
C TRP B 270 22.20 -23.57 13.76
N GLY B 271 21.39 -23.10 14.71
CA GLY B 271 21.04 -23.90 15.87
C GLY B 271 19.98 -23.25 16.73
N SER B 272 19.06 -24.05 17.28
CA SER B 272 18.01 -23.53 18.14
C SER B 272 18.58 -23.19 19.51
N SER B 273 19.38 -22.13 19.58
CA SER B 273 20.10 -21.75 20.78
C SER B 273 20.70 -20.36 20.56
N PRO B 274 21.27 -19.72 21.61
CA PRO B 274 21.98 -18.46 21.35
C PRO B 274 23.22 -18.70 20.50
N SER B 275 23.17 -18.24 19.26
CA SER B 275 24.22 -18.52 18.28
C SER B 275 24.13 -17.47 17.18
N GLY B 276 24.83 -17.73 16.07
CA GLY B 276 24.83 -16.82 14.95
C GLY B 276 23.54 -16.87 14.15
N PHE B 277 23.38 -15.87 13.29
CA PHE B 277 22.13 -15.73 12.56
C PHE B 277 22.34 -14.79 11.38
N MET B 278 21.72 -15.12 10.25
CA MET B 278 21.62 -14.22 9.12
C MET B 278 20.31 -13.45 9.19
N GLN B 279 20.27 -12.31 8.51
CA GLN B 279 19.06 -11.48 8.48
C GLN B 279 19.18 -10.48 7.33
N TRP B 280 18.12 -10.36 6.55
CA TRP B 280 18.09 -9.41 5.45
C TRP B 280 16.66 -9.19 5.00
N ARG B 281 16.31 -7.94 4.77
CA ARG B 281 14.99 -7.63 4.23
C ARG B 281 14.95 -8.02 2.76
N PRO B 282 13.89 -8.68 2.29
CA PRO B 282 13.88 -9.18 0.91
C PRO B 282 13.71 -8.08 -0.12
N VAL B 283 14.67 -7.17 -0.20
CA VAL B 283 14.67 -6.09 -1.18
C VAL B 283 16.06 -5.94 -1.77
N ALA B 284 16.13 -5.26 -2.91
CA ALA B 284 17.40 -4.95 -3.57
C ALA B 284 17.25 -3.63 -4.30
N PHE B 285 18.26 -2.78 -4.19
CA PHE B 285 18.24 -1.45 -4.77
C PHE B 285 19.28 -1.33 -5.88
N SER B 286 18.92 -0.60 -6.94
CA SER B 286 19.77 -0.48 -8.12
C SER B 286 20.37 0.90 -8.30
N GLU B 287 19.88 1.92 -7.59
CA GLU B 287 20.34 3.29 -7.78
C GLU B 287 20.56 3.94 -6.43
N GLU B 288 21.51 4.88 -6.37
CA GLU B 288 21.98 5.41 -5.09
C GLU B 288 20.85 6.07 -4.31
N GLU B 289 20.01 6.85 -4.98
CA GLU B 289 18.82 7.43 -4.35
C GLU B 289 17.79 6.31 -4.23
N ARG B 290 18.00 5.45 -3.23
CA ARG B 290 17.16 4.28 -3.05
C ARG B 290 15.80 4.69 -2.50
N ALA B 291 14.85 4.91 -3.40
CA ALA B 291 13.49 5.31 -3.03
C ALA B 291 12.58 4.09 -3.04
N ARG B 292 11.32 4.30 -2.66
CA ARG B 292 10.35 3.22 -2.63
C ARG B 292 10.03 2.68 -4.02
N GLU B 293 10.34 3.44 -5.08
CA GLU B 293 10.03 3.01 -6.43
C GLU B 293 10.79 1.74 -6.81
N SER B 294 12.09 1.69 -6.48
CA SER B 294 12.94 0.57 -6.88
C SER B 294 12.87 -0.52 -5.82
N ALA B 295 11.77 -1.26 -5.82
CA ALA B 295 11.62 -2.37 -4.89
C ALA B 295 12.48 -3.56 -5.34
N LEU B 296 12.19 -4.11 -6.51
CA LEU B 296 12.99 -5.15 -7.15
C LEU B 296 13.12 -6.35 -6.21
N PRO B 297 12.04 -7.10 -5.98
CA PRO B 297 12.06 -8.12 -4.92
C PRO B 297 13.04 -9.26 -5.22
N CYS B 298 13.53 -9.88 -4.15
CA CYS B 298 14.45 -11.00 -4.23
C CYS B 298 13.79 -12.24 -3.66
N GLN B 299 14.26 -13.41 -4.11
CA GLN B 299 13.66 -14.68 -3.73
C GLN B 299 14.74 -15.64 -3.24
N ALA B 300 14.39 -16.43 -2.24
CA ALA B 300 15.29 -17.44 -1.68
C ALA B 300 15.04 -18.78 -2.38
N SER B 301 15.59 -19.85 -1.82
CA SER B 301 15.40 -21.20 -2.34
C SER B 301 15.40 -22.16 -1.17
N THR B 302 15.55 -23.45 -1.46
CA THR B 302 15.59 -24.48 -0.42
C THR B 302 17.01 -25.05 -0.34
N LEU B 303 17.43 -25.34 0.89
CA LEU B 303 18.80 -25.81 1.12
C LEU B 303 18.96 -27.24 0.63
N HIS B 304 20.05 -27.48 -0.10
CA HIS B 304 20.41 -28.81 -0.56
C HIS B 304 21.55 -29.36 0.30
N SER B 305 22.06 -30.54 -0.07
CA SER B 305 23.25 -31.12 0.54
C SER B 305 24.18 -31.50 -0.61
N THR B 306 24.97 -30.54 -1.06
CA THR B 306 25.82 -30.75 -2.22
C THR B 306 27.14 -31.39 -1.81
N LEU B 307 27.69 -32.21 -2.70
CA LEU B 307 28.95 -32.87 -2.46
C LEU B 307 30.11 -31.91 -2.78
N ALA B 308 31.31 -32.33 -2.42
CA ALA B 308 32.49 -31.52 -2.67
C ALA B 308 32.76 -31.41 -4.17
N SER B 309 33.60 -30.45 -4.53
CA SER B 309 34.02 -30.12 -5.89
C SER B 309 32.88 -29.54 -6.74
N SER B 310 31.67 -29.41 -6.19
CA SER B 310 30.59 -28.75 -6.90
C SER B 310 30.74 -27.24 -6.91
N LEU B 311 31.52 -26.69 -5.98
CA LEU B 311 31.85 -25.27 -5.91
C LEU B 311 33.32 -25.13 -5.55
N PRO B 312 33.97 -24.07 -6.03
CA PRO B 312 35.40 -23.89 -5.72
C PRO B 312 35.62 -23.77 -4.21
N HIS B 313 36.73 -24.36 -3.75
CA HIS B 313 37.05 -24.41 -2.33
C HIS B 313 37.84 -23.19 -1.92
N SER B 314 37.35 -22.47 -0.91
CA SER B 314 38.07 -21.33 -0.36
C SER B 314 39.18 -21.81 0.56
N PRO B 315 40.44 -21.43 0.34
CA PRO B 315 41.52 -21.90 1.22
C PRO B 315 41.34 -21.50 2.67
N ILE B 316 40.72 -20.35 2.94
CA ILE B 316 40.54 -19.90 4.32
C ILE B 316 39.62 -20.85 5.08
N VAL B 317 38.52 -21.27 4.44
CA VAL B 317 37.59 -22.20 5.10
C VAL B 317 38.29 -23.53 5.36
N GLN B 318 39.04 -24.03 4.37
CA GLN B 318 39.78 -25.27 4.56
C GLN B 318 40.82 -25.14 5.66
N ALA B 319 41.35 -23.93 5.87
CA ALA B 319 42.30 -23.72 6.95
C ALA B 319 41.61 -23.73 8.30
N PHE B 320 40.46 -23.05 8.41
CA PHE B 320 39.75 -23.00 9.69
C PHE B 320 39.05 -24.30 10.04
N PHE B 321 38.59 -25.04 9.05
CA PHE B 321 37.80 -26.25 9.28
C PHE B 321 38.53 -27.47 8.74
N GLY B 322 37.88 -28.63 8.86
CA GLY B 322 38.40 -29.87 8.32
C GLY B 322 37.30 -30.76 7.78
N SER B 323 36.07 -30.22 7.72
CA SER B 323 34.93 -31.01 7.26
C SER B 323 34.88 -31.05 5.73
N GLN B 324 34.71 -29.89 5.09
CA GLN B 324 34.72 -29.73 3.63
C GLN B 324 33.85 -30.76 2.92
N ASN B 325 32.80 -31.24 3.60
CA ASN B 325 31.84 -32.16 2.98
C ASN B 325 30.38 -31.82 3.24
N ASN B 326 30.06 -31.01 4.25
CA ASN B 326 28.67 -30.71 4.61
C ASN B 326 28.21 -29.36 4.04
N PHE B 327 28.68 -29.00 2.85
CA PHE B 327 28.30 -27.73 2.25
C PHE B 327 26.82 -27.73 1.87
N CYS B 328 26.13 -26.65 2.23
CA CYS B 328 24.73 -26.44 1.86
C CYS B 328 24.62 -25.09 1.17
N ALA B 329 24.06 -25.09 -0.04
CA ALA B 329 24.01 -23.90 -0.86
C ALA B 329 22.60 -23.69 -1.41
N PHE B 330 22.25 -22.42 -1.62
CA PHE B 330 20.97 -22.06 -2.20
C PHE B 330 21.15 -20.84 -3.10
N ASN B 331 20.50 -20.86 -4.26
CA ASN B 331 20.57 -19.74 -5.18
C ASN B 331 19.77 -18.55 -4.63
N LEU B 332 20.17 -17.35 -5.03
CA LEU B 332 19.60 -16.12 -4.49
C LEU B 332 19.43 -15.12 -5.63
N THR B 333 18.25 -15.09 -6.23
CA THR B 333 17.98 -14.24 -7.38
C THR B 333 17.53 -12.85 -6.95
N PHE B 334 17.70 -11.89 -7.85
CA PHE B 334 17.31 -10.51 -7.64
C PHE B 334 16.34 -10.08 -8.73
N GLY B 335 15.17 -9.60 -8.33
CA GLY B 335 14.24 -8.99 -9.26
C GLY B 335 13.38 -9.98 -10.03
N ALA B 336 12.56 -9.42 -10.92
CA ALA B 336 11.64 -10.18 -11.76
C ALA B 336 11.25 -9.31 -12.94
N PRO B 337 10.80 -9.90 -14.06
CA PRO B 337 10.36 -9.08 -15.19
C PRO B 337 8.98 -8.47 -14.99
N THR B 338 8.42 -8.60 -13.79
CA THR B 338 7.07 -8.09 -13.55
C THR B 338 7.01 -6.58 -13.69
N GLY B 339 7.99 -5.87 -13.14
CA GLY B 339 7.99 -4.43 -13.18
C GLY B 339 9.37 -3.86 -13.44
N PRO B 340 9.79 -2.90 -12.60
CA PRO B 340 11.12 -2.31 -12.77
C PRO B 340 12.21 -3.36 -12.60
N GLY B 341 13.26 -3.22 -13.40
CA GLY B 341 14.39 -4.13 -13.35
C GLY B 341 15.71 -3.42 -13.35
N TYR B 342 16.76 -4.09 -13.84
CA TYR B 342 18.10 -3.52 -13.90
C TYR B 342 18.45 -3.34 -15.38
N TRP B 343 17.98 -2.24 -15.95
CA TRP B 343 18.31 -1.86 -17.32
C TRP B 343 18.77 -0.42 -17.44
N ASP B 344 18.14 0.51 -16.70
CA ASP B 344 18.50 1.91 -16.79
C ASP B 344 19.82 2.22 -16.09
N GLN B 345 20.03 1.63 -14.92
CA GLN B 345 21.26 1.85 -14.17
C GLN B 345 22.29 0.77 -14.50
N TYR B 346 23.42 0.81 -13.81
CA TYR B 346 24.52 -0.10 -14.08
C TYR B 346 25.08 -0.73 -12.81
N TYR B 347 24.21 -0.82 -11.81
CA TYR B 347 24.67 -1.28 -10.53
C TYR B 347 23.54 -1.78 -9.59
N LEU B 348 23.75 -2.87 -8.83
CA LEU B 348 22.71 -3.47 -7.99
C LEU B 348 23.24 -3.62 -6.58
N CYS B 349 22.44 -3.24 -5.60
CA CYS B 349 22.87 -3.22 -4.20
C CYS B 349 21.98 -4.12 -3.35
N TRP B 350 22.59 -4.71 -2.32
CA TRP B 350 21.92 -5.63 -1.41
C TRP B 350 22.49 -5.42 -0.01
N SER B 351 21.69 -5.78 1.00
CA SER B 351 22.06 -5.56 2.39
C SER B 351 21.69 -6.76 3.24
N MET B 352 22.57 -7.13 4.16
CA MET B 352 22.33 -8.24 5.07
C MET B 352 23.25 -8.10 6.28
N LEU B 353 22.90 -8.80 7.35
CA LEU B 353 23.71 -8.86 8.56
C LEU B 353 24.38 -10.22 8.68
N LEU B 354 25.23 -10.34 9.70
CA LEU B 354 25.93 -11.58 10.02
C LEU B 354 26.57 -11.40 11.39
N GLY B 355 26.49 -12.42 12.22
CA GLY B 355 27.10 -12.37 13.54
C GLY B 355 26.31 -13.18 14.54
N MET B 356 26.90 -13.32 15.73
CA MET B 356 26.33 -14.10 16.81
C MET B 356 25.60 -13.20 17.80
N GLY B 357 24.54 -13.73 18.40
CA GLY B 357 23.80 -13.04 19.42
C GLY B 357 22.33 -13.32 19.30
N PHE B 358 21.53 -12.49 19.96
CA PHE B 358 20.07 -12.59 19.87
C PHE B 358 19.59 -11.75 18.69
N PRO B 359 18.89 -12.33 17.73
CA PRO B 359 18.46 -11.56 16.55
C PRO B 359 17.40 -10.54 16.91
N PRO B 360 17.64 -9.26 16.65
CA PRO B 360 16.60 -8.25 16.88
C PRO B 360 15.41 -8.46 15.97
N VAL B 361 14.23 -8.09 16.46
CA VAL B 361 12.97 -8.32 15.76
C VAL B 361 12.41 -7.03 15.15
N ASP B 362 11.97 -6.09 15.98
CA ASP B 362 11.51 -4.71 15.78
C ASP B 362 11.10 -4.12 17.12
N ILE B 363 11.04 -2.79 17.17
CA ILE B 363 10.52 -2.05 18.32
C ILE B 363 9.65 -0.91 17.79
N PHE B 364 8.48 -0.73 18.38
CA PHE B 364 7.59 0.34 17.94
C PHE B 364 8.17 1.70 18.31
N SER B 365 8.05 2.65 17.38
CA SER B 365 8.53 4.00 17.60
C SER B 365 7.58 4.78 18.51
N PRO B 366 8.07 5.79 19.22
CA PRO B 366 7.18 6.59 20.08
C PRO B 366 6.06 7.29 19.34
N LEU B 367 6.24 7.59 18.04
CA LEU B 367 5.22 8.34 17.32
C LEU B 367 3.90 7.57 17.21
N VAL B 368 3.97 6.33 16.73
CA VAL B 368 2.77 5.52 16.55
C VAL B 368 2.15 5.22 17.91
N LEU B 369 2.97 4.97 18.93
CA LEU B 369 2.45 4.73 20.26
C LEU B 369 1.70 5.95 20.79
N GLY B 370 2.26 7.15 20.57
CA GLY B 370 1.59 8.36 21.03
C GLY B 370 0.29 8.62 20.31
N ILE B 371 0.26 8.37 18.99
CA ILE B 371 -0.99 8.58 18.27
C ILE B 371 -2.04 7.55 18.68
N MET B 372 -1.62 6.31 18.97
CA MET B 372 -2.55 5.35 19.54
C MET B 372 -3.06 5.80 20.90
N ALA B 373 -2.18 6.38 21.73
CA ALA B 373 -2.60 6.87 23.04
C ALA B 373 -3.65 7.97 22.91
N VAL B 374 -3.42 8.92 22.00
CA VAL B 374 -4.39 10.00 21.83
C VAL B 374 -5.67 9.49 21.19
N ALA B 375 -5.56 8.47 20.34
CA ALA B 375 -6.75 7.84 19.77
C ALA B 375 -7.60 7.19 20.85
N LEU B 376 -6.95 6.53 21.81
CA LEU B 376 -7.67 5.94 22.93
C LEU B 376 -8.20 7.00 23.89
N GLY B 377 -7.76 8.25 23.74
CA GLY B 377 -8.24 9.30 24.63
C GLY B 377 -9.67 9.71 24.32
N ALA B 378 -10.11 9.53 23.08
CA ALA B 378 -11.44 9.96 22.67
C ALA B 378 -12.55 9.24 23.44
N PRO B 379 -12.56 7.90 23.54
CA PRO B 379 -13.60 7.26 24.36
C PRO B 379 -13.51 7.61 25.84
N GLY B 380 -12.29 7.80 26.38
CA GLY B 380 -12.16 8.15 27.78
C GLY B 380 -12.58 9.57 28.08
N LEU B 381 -12.42 10.47 27.12
CA LEU B 381 -12.71 11.88 27.36
C LEU B 381 -14.18 12.12 27.68
N MET B 382 -15.08 11.46 26.94
CA MET B 382 -16.51 11.65 27.15
C MET B 382 -16.97 11.17 28.52
N PHE B 383 -16.44 10.03 28.98
CA PHE B 383 -16.81 9.53 30.31
C PHE B 383 -16.55 10.56 31.39
N LEU B 384 -15.50 11.38 31.21
CA LEU B 384 -15.30 12.53 32.08
C LEU B 384 -16.36 13.60 31.80
N GLY B 385 -16.63 13.86 30.52
CA GLY B 385 -17.63 14.85 30.14
C GLY B 385 -19.04 14.45 30.51
N GLY B 386 -19.33 13.15 30.41
CA GLY B 386 -20.64 12.64 30.79
C GLY B 386 -20.94 12.87 32.25
N GLY B 387 -19.94 12.64 33.11
CA GLY B 387 -20.10 12.93 34.52
C GLY B 387 -20.28 14.42 34.78
N LEU B 388 -19.63 15.26 33.97
CA LEU B 388 -19.77 16.71 34.13
C LEU B 388 -21.22 17.14 33.89
N PHE B 389 -21.86 16.60 32.86
CA PHE B 389 -23.26 16.93 32.61
C PHE B 389 -24.16 16.24 33.63
N LEU B 390 -23.71 15.11 34.18
CA LEU B 390 -24.46 14.39 35.20
C LEU B 390 -24.63 15.25 36.44
N LEU B 391 -23.58 15.98 36.82
CA LEU B 391 -23.64 16.88 37.96
C LEU B 391 -24.60 18.04 37.68
C1 NAG C . 34.81 -21.55 28.22
C2 NAG C . 34.99 -21.79 29.72
C3 NAG C . 35.85 -23.02 29.96
C4 NAG C . 35.27 -24.22 29.22
C5 NAG C . 35.08 -23.90 27.74
C6 NAG C . 34.40 -25.00 26.97
C7 NAG C . 34.84 -19.70 31.00
C8 NAG C . 35.60 -18.57 31.62
N2 NAG C . 35.57 -20.61 30.36
O3 NAG C . 35.91 -23.28 31.35
O4 NAG C . 36.15 -25.33 29.34
O5 NAG C . 34.26 -22.73 27.61
O6 NAG C . 35.16 -26.21 27.02
O7 NAG C . 33.62 -19.78 31.08
C1 NAG D . 49.21 -3.05 -0.22
C2 NAG D . 50.04 -4.14 -0.88
C3 NAG D . 51.22 -4.53 0.02
C4 NAG D . 52.02 -3.30 0.41
C5 NAG D . 51.10 -2.24 1.02
C6 NAG D . 51.82 -0.94 1.32
C7 NAG D . 48.54 -5.43 -2.32
C8 NAG D . 47.75 -6.70 -2.48
N2 NAG D . 49.24 -5.31 -1.19
O3 NAG D . 52.05 -5.45 -0.67
O4 NAG D . 53.03 -3.64 1.35
O5 NAG D . 50.04 -1.93 0.11
O6 NAG D . 53.14 -1.17 1.78
O7 NAG D . 48.52 -4.55 -3.17
C1 NAG E . 18.08 -6.71 -27.88
C2 NAG E . 18.18 -5.19 -28.10
C3 NAG E . 18.96 -4.90 -29.39
C4 NAG E . 20.31 -5.60 -29.36
C5 NAG E . 20.13 -7.08 -29.09
C6 NAG E . 21.43 -7.83 -28.94
C7 NAG E . 16.52 -3.51 -27.44
C8 NAG E . 15.11 -3.02 -27.62
N2 NAG E . 16.86 -4.58 -28.16
O3 NAG E . 19.14 -3.49 -29.52
O4 NAG E . 20.98 -5.42 -30.60
O5 NAG E . 19.39 -7.28 -27.86
O6 NAG E . 21.27 -9.03 -28.20
O7 NAG E . 17.30 -2.96 -26.68
C1 NAG F . 21.33 -22.86 -8.84
C2 NAG F . 20.99 -24.32 -8.54
C3 NAG F . 21.85 -25.27 -9.37
C4 NAG F . 21.76 -24.91 -10.85
C5 NAG F . 22.09 -23.44 -11.05
C6 NAG F . 21.90 -22.99 -12.49
C7 NAG F . 22.24 -24.52 -6.41
C8 NAG F . 22.14 -24.88 -4.97
N2 NAG F . 21.11 -24.61 -7.12
O3 NAG F . 21.44 -26.60 -9.15
O4 NAG F . 22.68 -25.71 -11.59
O5 NAG F . 21.22 -22.63 -10.25
O6 NAG F . 22.87 -23.58 -13.34
O7 NAG F . 23.30 -24.16 -6.92
C1 NAG G . 54.57 -22.25 10.56
C2 NAG G . 54.53 -23.70 11.07
C3 NAG G . 55.95 -24.19 11.34
C4 NAG G . 56.82 -24.00 10.10
C5 NAG G . 56.76 -22.56 9.63
C6 NAG G . 57.50 -22.32 8.34
C7 NAG G . 52.76 -24.74 12.42
C8 NAG G . 52.56 -25.67 11.27
N2 NAG G . 53.72 -23.81 12.27
O3 NAG G . 55.91 -25.56 11.70
O4 NAG G . 58.17 -24.33 10.40
O5 NAG G . 55.39 -22.17 9.39
O6 NAG G . 57.09 -23.22 7.32
O7 NAG G . 52.09 -24.81 13.44
#